data_4HNC
#
_entry.id   4HNC
#
_cell.length_a   148.464
_cell.length_b   148.464
_cell.length_c   169.987
_cell.angle_alpha   90.00
_cell.angle_beta   90.00
_cell.angle_gamma   90.00
#
_symmetry.space_group_name_H-M   'I 4 2 2'
#
loop_
_entity.id
_entity.type
_entity.pdbx_description
1 polymer 'Mandelate racemase'
2 non-polymer 'MAGNESIUM ION'
3 non-polymer 'hydroxy(diphenyl)acetic acid'
4 water water
#
_entity_poly.entity_id   1
_entity_poly.type   'polypeptide(L)'
_entity_poly.pdbx_seq_one_letter_code
;MASWSHPQFEKGALEVLFQGPGYHMSEVLITGLRTRAVNVPLAYPVHTAVGTVGTAPLVLIDLATSAGVVGHSYLFAYTP
VALKSLKQLLDDMAAMIVNEPLAPVSLEAMLAKRFSLAGYTGLIRMAAAGIDMAAWDALGKVHETPLVKLLGANARPVQA
YDSHSLDGVKLATERAVTAAELGFRAVKTCIGYPALDQDLAVVRSIRQAVGDDFGIMVDYNQSLDVPAAIKRSQALQQEG
VTWIEEPTLQHDYEGHQRIQSKLNVPVQMGENWLGPEEMFKALSIGASRLAMPDAMKIGGVTGWIRASALAQQFGIPMSS
HLFQEISAHLLAATPTAHWLERLDLAGSVIEPTLTFEGGNAVIPDLPGVGIIWREKEIGKYLV
;
_entity_poly.pdbx_strand_id   A,B
#
loop_
_chem_comp.id
_chem_comp.type
_chem_comp.name
_chem_comp.formula
0UT non-polymer 'hydroxy(diphenyl)acetic acid' 'C14 H12 O3'
MG non-polymer 'MAGNESIUM ION' 'Mg 2'
#
# COMPACT_ATOMS: atom_id res chain seq x y z
N GLU A 27 -0.96 -30.48 9.21
CA GLU A 27 -1.91 -31.60 9.39
C GLU A 27 -3.38 -31.16 9.30
N VAL A 28 -3.85 -30.15 10.04
CA VAL A 28 -5.10 -29.47 9.62
C VAL A 28 -4.81 -28.60 8.41
N LEU A 29 -5.56 -28.82 7.32
CA LEU A 29 -5.36 -28.09 6.08
C LEU A 29 -6.49 -27.14 5.79
N ILE A 30 -6.18 -26.03 5.12
CA ILE A 30 -7.22 -25.17 4.57
C ILE A 30 -7.83 -25.87 3.36
N THR A 31 -9.15 -25.95 3.29
CA THR A 31 -9.78 -26.72 2.21
C THR A 31 -10.67 -25.86 1.35
N GLY A 32 -10.87 -24.59 1.73
CA GLY A 32 -11.70 -23.70 0.91
C GLY A 32 -11.64 -22.27 1.43
N LEU A 33 -11.97 -21.32 0.55
CA LEU A 33 -12.11 -19.92 0.95
C LEU A 33 -13.36 -19.38 0.27
N ARG A 34 -14.33 -18.91 1.03
CA ARG A 34 -15.51 -18.25 0.44
C ARG A 34 -15.55 -16.78 0.86
N THR A 35 -15.87 -15.89 -0.07
CA THR A 35 -16.03 -14.49 0.28
C THR A 35 -17.40 -13.96 -0.12
N ARG A 36 -17.90 -12.98 0.62
CA ARG A 36 -19.17 -12.34 0.27
C ARG A 36 -19.03 -10.84 0.45
N ALA A 37 -19.29 -10.08 -0.61
CA ALA A 37 -19.25 -8.61 -0.53
C ALA A 37 -20.63 -8.14 -0.11
N VAL A 38 -20.66 -7.27 0.90
CA VAL A 38 -21.91 -6.77 1.42
C VAL A 38 -21.78 -5.25 1.64
N ASN A 39 -22.88 -4.54 1.52
CA ASN A 39 -22.95 -3.12 1.90
CA ASN A 39 -22.90 -3.13 1.92
C ASN A 39 -23.93 -3.04 3.02
N VAL A 40 -23.45 -2.88 4.26
CA VAL A 40 -24.32 -3.08 5.43
C VAL A 40 -24.70 -1.78 6.12
N PRO A 41 -25.92 -1.75 6.71
CA PRO A 41 -26.41 -0.55 7.41
C PRO A 41 -25.64 -0.29 8.70
N LEU A 42 -25.38 0.99 8.97
CA LEU A 42 -24.70 1.38 10.20
C LEU A 42 -25.71 1.89 11.22
N ALA A 43 -25.59 1.44 12.47
CA ALA A 43 -26.47 1.95 13.53
C ALA A 43 -26.29 3.48 13.67
N TYR A 44 -25.04 3.95 13.56
CA TYR A 44 -24.72 5.38 13.52
C TYR A 44 -24.24 5.80 12.11
N PRO A 45 -25.14 6.39 11.33
CA PRO A 45 -24.67 6.92 10.04
C PRO A 45 -23.48 7.82 10.26
N VAL A 46 -22.52 7.73 9.37
CA VAL A 46 -21.32 8.52 9.52
C VAL A 46 -21.51 9.81 8.73
N HIS A 47 -21.46 10.92 9.46
CA HIS A 47 -21.56 12.24 8.86
C HIS A 47 -20.15 12.70 8.54
N THR A 48 -19.96 13.27 7.35
CA THR A 48 -18.64 13.71 6.86
C THR A 48 -18.80 15.14 6.37
N ALA A 49 -17.71 15.79 5.96
CA ALA A 49 -17.80 17.13 5.36
C ALA A 49 -18.65 17.15 4.06
N VAL A 50 -18.69 16.02 3.36
CA VAL A 50 -19.37 15.87 2.07
C VAL A 50 -20.87 15.63 2.27
N GLY A 51 -21.19 14.72 3.19
CA GLY A 51 -22.54 14.23 3.41
C GLY A 51 -22.53 12.97 4.30
N THR A 52 -23.66 12.29 4.36
CA THR A 52 -23.74 11.19 5.33
C THR A 52 -23.67 9.83 4.63
N VAL A 53 -22.84 8.94 5.18
CA VAL A 53 -22.71 7.58 4.64
C VAL A 53 -23.40 6.60 5.60
N GLY A 54 -24.38 5.88 5.07
CA GLY A 54 -25.26 5.06 5.90
C GLY A 54 -24.88 3.59 5.94
N THR A 55 -23.94 3.20 5.08
CA THR A 55 -23.59 1.79 4.93
C THR A 55 -22.08 1.61 4.90
N ALA A 56 -21.62 0.41 5.25
CA ALA A 56 -20.21 0.07 5.21
C ALA A 56 -19.97 -1.09 4.22
N PRO A 57 -18.95 -0.95 3.33
CA PRO A 57 -18.61 -2.06 2.43
C PRO A 57 -17.68 -3.06 3.12
N LEU A 58 -18.16 -4.32 3.30
CA LEU A 58 -17.37 -5.36 3.94
C LEU A 58 -17.21 -6.57 3.02
N VAL A 59 -16.12 -7.28 3.20
CA VAL A 59 -15.98 -8.60 2.59
C VAL A 59 -15.97 -9.61 3.72
N LEU A 60 -16.97 -10.52 3.72
CA LEU A 60 -17.09 -11.53 4.78
C LEU A 60 -16.34 -12.78 4.32
N ILE A 61 -15.50 -13.37 5.19
CA ILE A 61 -14.59 -14.43 4.81
C ILE A 61 -14.95 -15.72 5.57
N ASP A 62 -15.04 -16.84 4.84
CA ASP A 62 -15.18 -18.17 5.43
C ASP A 62 -14.04 -19.06 4.97
N LEU A 63 -13.25 -19.53 5.91
CA LEU A 63 -12.06 -20.32 5.63
C LEU A 63 -12.41 -21.75 6.08
N ALA A 64 -12.63 -22.65 5.12
CA ALA A 64 -13.04 -24.03 5.45
C ALA A 64 -11.77 -24.83 5.73
N THR A 65 -11.88 -25.88 6.55
CA THR A 65 -10.73 -26.68 6.93
C THR A 65 -11.03 -28.18 6.90
N SER A 66 -9.95 -28.96 6.90
CA SER A 66 -10.01 -30.42 6.99
C SER A 66 -10.46 -30.91 8.39
N ALA A 67 -10.51 -30.00 9.36
CA ALA A 67 -11.04 -30.30 10.69
C ALA A 67 -12.55 -30.08 10.69
N GLY A 68 -13.11 -29.61 9.58
CA GLY A 68 -14.55 -29.33 9.50
C GLY A 68 -14.95 -27.94 9.96
N VAL A 69 -14.27 -27.42 11.01
CA VAL A 69 -14.54 -26.06 11.46
C VAL A 69 -14.23 -25.06 10.34
N VAL A 70 -14.93 -23.93 10.37
CA VAL A 70 -14.76 -22.86 9.39
C VAL A 70 -14.30 -21.58 10.15
N GLY A 71 -13.18 -20.99 9.76
CA GLY A 71 -12.78 -19.69 10.32
C GLY A 71 -13.56 -18.54 9.69
N HIS A 72 -13.92 -17.55 10.50
CA HIS A 72 -14.68 -16.40 10.00
C HIS A 72 -13.85 -15.16 10.25
N SER A 73 -13.79 -14.25 9.28
CA SER A 73 -13.27 -12.90 9.56
C SER A 73 -13.97 -12.01 8.57
N TYR A 74 -13.63 -10.71 8.58
CA TYR A 74 -14.10 -9.83 7.51
C TYR A 74 -13.11 -8.69 7.29
N LEU A 75 -13.23 -8.05 6.14
CA LEU A 75 -12.43 -6.88 5.79
C LEU A 75 -13.37 -5.70 5.66
N PHE A 76 -12.85 -4.51 5.98
CA PHE A 76 -13.58 -3.26 5.71
C PHE A 76 -12.90 -2.67 4.47
N ALA A 77 -13.66 -2.37 3.41
CA ALA A 77 -13.07 -1.86 2.15
C ALA A 77 -13.01 -0.31 2.09
N TYR A 78 -13.54 0.35 3.13
CA TYR A 78 -13.50 1.85 3.29
C TYR A 78 -14.42 2.61 2.36
N THR A 79 -14.34 2.30 1.08
CA THR A 79 -15.21 2.94 0.11
C THR A 79 -15.75 1.86 -0.84
N PRO A 80 -17.02 1.97 -1.27
CA PRO A 80 -17.58 0.99 -2.20
C PRO A 80 -16.73 0.89 -3.48
N VAL A 81 -15.95 1.93 -3.77
CA VAL A 81 -15.07 1.90 -4.94
C VAL A 81 -14.05 0.76 -4.90
N ALA A 82 -13.62 0.37 -3.69
CA ALA A 82 -12.59 -0.67 -3.50
C ALA A 82 -13.22 -2.05 -3.25
N LEU A 83 -14.52 -2.08 -3.02
CA LEU A 83 -15.18 -3.31 -2.53
C LEU A 83 -15.03 -4.53 -3.47
N LYS A 84 -15.47 -4.40 -4.73
CA LYS A 84 -15.36 -5.53 -5.66
C LYS A 84 -13.93 -5.91 -5.95
N SER A 85 -13.03 -4.93 -6.01
CA SER A 85 -11.62 -5.21 -6.24
C SER A 85 -11.03 -6.05 -5.11
N LEU A 86 -11.39 -5.69 -3.88
CA LEU A 86 -10.86 -6.43 -2.72
C LEU A 86 -11.41 -7.85 -2.69
N LYS A 87 -12.70 -8.00 -3.00
CA LYS A 87 -13.30 -9.34 -3.05
C LYS A 87 -12.62 -10.16 -4.15
N GLN A 88 -12.42 -9.57 -5.32
CA GLN A 88 -11.76 -10.27 -6.43
C GLN A 88 -10.34 -10.71 -6.08
N LEU A 89 -9.59 -9.82 -5.43
CA LEU A 89 -8.23 -10.13 -4.98
C LEU A 89 -8.16 -11.33 -4.03
N LEU A 90 -9.00 -11.34 -3.01
CA LEU A 90 -9.12 -12.47 -2.10
C LEU A 90 -9.48 -13.77 -2.83
N ASP A 91 -10.47 -13.70 -3.73
CA ASP A 91 -10.85 -14.90 -4.49
C ASP A 91 -9.67 -15.42 -5.27
N ASP A 92 -8.88 -14.53 -5.90
CA ASP A 92 -7.71 -14.98 -6.64
C ASP A 92 -6.59 -15.48 -5.71
N MET A 93 -6.50 -14.94 -4.51
CA MET A 93 -5.46 -15.35 -3.57
CA MET A 93 -5.47 -15.31 -3.52
C MET A 93 -5.75 -16.72 -2.97
N ALA A 94 -7.01 -17.17 -3.08
CA ALA A 94 -7.42 -18.51 -2.59
C ALA A 94 -6.49 -19.58 -3.09
N ALA A 95 -6.11 -19.45 -4.36
CA ALA A 95 -5.24 -20.43 -5.00
C ALA A 95 -3.90 -20.63 -4.27
N MET A 96 -3.44 -19.58 -3.58
CA MET A 96 -2.20 -19.65 -2.83
C MET A 96 -2.32 -20.38 -1.49
N ILE A 97 -3.52 -20.45 -0.94
CA ILE A 97 -3.63 -20.95 0.44
C ILE A 97 -4.39 -22.27 0.57
N VAL A 98 -5.26 -22.60 -0.39
CA VAL A 98 -6.05 -23.85 -0.25
C VAL A 98 -5.09 -25.02 -0.32
N ASN A 99 -5.27 -26.00 0.58
CA ASN A 99 -4.33 -27.12 0.73
C ASN A 99 -3.05 -26.87 1.50
N GLU A 100 -2.83 -25.64 1.96
CA GLU A 100 -1.72 -25.36 2.87
C GLU A 100 -2.18 -25.70 4.28
N PRO A 101 -1.23 -26.06 5.15
CA PRO A 101 -1.57 -26.28 6.55
C PRO A 101 -2.14 -25.00 7.20
N LEU A 102 -3.04 -25.19 8.16
CA LEU A 102 -3.65 -24.08 8.88
C LEU A 102 -2.64 -23.60 9.94
N ALA A 103 -1.62 -22.86 9.51
CA ALA A 103 -0.54 -22.41 10.39
C ALA A 103 -0.37 -20.96 9.99
N PRO A 104 -1.07 -20.06 10.69
CA PRO A 104 -1.15 -18.68 10.23
C PRO A 104 0.23 -18.00 10.07
N VAL A 105 1.15 -18.27 11.00
CA VAL A 105 2.48 -17.63 10.95
C VAL A 105 3.22 -18.08 9.66
N SER A 106 3.17 -19.38 9.39
CA SER A 106 3.80 -19.90 8.18
C SER A 106 3.12 -19.40 6.88
N LEU A 107 1.78 -19.33 6.88
CA LEU A 107 1.03 -18.80 5.70
C LEU A 107 1.42 -17.34 5.43
N GLU A 108 1.54 -16.56 6.52
CA GLU A 108 1.90 -15.14 6.43
C GLU A 108 3.26 -14.97 5.78
N ALA A 109 4.26 -15.74 6.22
CA ALA A 109 5.60 -15.72 5.59
C ALA A 109 5.56 -16.03 4.11
N MET A 110 4.73 -16.98 3.74
CA MET A 110 4.61 -17.40 2.34
C MET A 110 3.96 -16.29 1.51
N LEU A 111 2.90 -15.68 2.03
CA LEU A 111 2.23 -14.58 1.31
C LEU A 111 3.16 -13.38 1.20
N ALA A 112 3.91 -13.08 2.27
CA ALA A 112 4.88 -11.97 2.23
C ALA A 112 5.90 -12.18 1.12
N LYS A 113 6.38 -13.42 0.97
CA LYS A 113 7.35 -13.71 -0.08
C LYS A 113 6.68 -13.64 -1.46
N ARG A 114 5.52 -14.25 -1.62
CA ARG A 114 4.86 -14.26 -2.94
C ARG A 114 4.51 -12.86 -3.44
N PHE A 115 4.23 -11.93 -2.55
CA PHE A 115 3.84 -10.59 -2.96
C PHE A 115 4.95 -9.56 -2.82
N SER A 116 6.19 -10.04 -2.69
CA SER A 116 7.31 -9.15 -2.51
C SER A 116 7.57 -8.23 -3.69
N LEU A 117 7.17 -8.65 -4.90
CA LEU A 117 7.39 -7.80 -6.07
C LEU A 117 6.19 -6.91 -6.29
N ALA A 118 4.97 -7.47 -6.19
CA ALA A 118 3.77 -6.68 -6.39
C ALA A 118 3.64 -5.57 -5.36
N GLY A 119 4.18 -5.81 -4.16
CA GLY A 119 4.09 -4.85 -3.03
C GLY A 119 3.19 -5.43 -1.97
N TYR A 120 3.77 -5.87 -0.87
CA TYR A 120 3.02 -6.53 0.20
C TYR A 120 2.44 -5.45 1.15
N THR A 121 1.53 -4.66 0.60
CA THR A 121 0.95 -3.52 1.29
C THR A 121 -0.42 -3.25 0.70
N GLY A 122 -1.13 -2.25 1.23
CA GLY A 122 -2.41 -1.84 0.65
C GLY A 122 -3.41 -2.99 0.55
N LEU A 123 -4.19 -3.03 -0.52
CA LEU A 123 -5.22 -4.11 -0.68
C LEU A 123 -4.67 -5.52 -0.53
N ILE A 124 -3.51 -5.79 -1.13
CA ILE A 124 -2.91 -7.11 -1.00
C ILE A 124 -2.69 -7.47 0.48
N ARG A 125 -2.13 -6.52 1.23
CA ARG A 125 -1.84 -6.78 2.66
C ARG A 125 -3.12 -6.96 3.47
N MET A 126 -4.14 -6.17 3.14
CA MET A 126 -5.43 -6.28 3.81
C MET A 126 -6.09 -7.64 3.55
N ALA A 127 -6.08 -8.06 2.30
CA ALA A 127 -6.55 -9.42 1.96
C ALA A 127 -5.76 -10.51 2.71
N ALA A 128 -4.43 -10.42 2.77
CA ALA A 128 -3.63 -11.40 3.52
C ALA A 128 -4.04 -11.38 5.00
N ALA A 129 -4.30 -10.17 5.53
CA ALA A 129 -4.76 -10.06 6.93
C ALA A 129 -6.12 -10.72 7.17
N GLY A 130 -7.05 -10.60 6.19
CA GLY A 130 -8.35 -11.27 6.31
C GLY A 130 -8.17 -12.76 6.41
N ILE A 131 -7.26 -13.30 5.59
CA ILE A 131 -6.93 -14.72 5.69
C ILE A 131 -6.40 -15.06 7.07
N ASP A 132 -5.45 -14.24 7.53
CA ASP A 132 -4.81 -14.53 8.80
C ASP A 132 -5.83 -14.54 9.95
N MET A 133 -6.73 -13.56 9.96
CA MET A 133 -7.75 -13.48 11.01
C MET A 133 -8.71 -14.66 10.97
N ALA A 134 -9.09 -15.07 9.76
CA ALA A 134 -9.94 -16.28 9.65
C ALA A 134 -9.17 -17.56 10.09
N ALA A 135 -7.86 -17.63 9.80
CA ALA A 135 -7.06 -18.84 10.12
C ALA A 135 -6.93 -18.95 11.63
N TRP A 136 -6.75 -17.82 12.32
CA TRP A 136 -6.66 -17.89 13.78
C TRP A 136 -7.97 -18.20 14.43
N ASP A 137 -9.07 -17.71 13.84
CA ASP A 137 -10.40 -18.09 14.32
C ASP A 137 -10.58 -19.62 14.13
N ALA A 138 -10.27 -20.12 12.93
CA ALA A 138 -10.30 -21.60 12.72
C ALA A 138 -9.42 -22.35 13.72
N LEU A 139 -8.19 -21.85 13.98
CA LEU A 139 -7.28 -22.55 14.88
C LEU A 139 -7.86 -22.59 16.32
N GLY A 140 -8.48 -21.49 16.76
CA GLY A 140 -9.24 -21.48 18.01
C GLY A 140 -10.32 -22.57 18.05
N LYS A 141 -11.05 -22.69 16.95
CA LYS A 141 -12.08 -23.71 16.82
C LYS A 141 -11.53 -25.14 16.82
N VAL A 142 -10.41 -25.37 16.16
CA VAL A 142 -9.74 -26.69 16.15
C VAL A 142 -9.44 -27.11 17.60
N HIS A 143 -9.03 -26.12 18.42
CA HIS A 143 -8.68 -26.41 19.80
C HIS A 143 -9.79 -26.16 20.77
N GLU A 144 -10.96 -25.81 20.25
CA GLU A 144 -12.15 -25.50 21.04
C GLU A 144 -11.80 -24.54 22.20
N THR A 145 -11.10 -23.46 21.88
CA THR A 145 -10.71 -22.51 22.93
C THR A 145 -10.86 -21.07 22.38
N PRO A 146 -11.26 -20.11 23.23
CA PRO A 146 -11.31 -18.73 22.75
C PRO A 146 -9.93 -18.29 22.28
N LEU A 147 -9.88 -17.47 21.24
CA LEU A 147 -8.61 -17.00 20.70
C LEU A 147 -7.69 -16.43 21.80
N VAL A 148 -8.22 -15.62 22.69
CA VAL A 148 -7.37 -15.02 23.75
C VAL A 148 -6.57 -16.11 24.49
N LYS A 149 -7.22 -17.27 24.78
CA LYS A 149 -6.53 -18.32 25.55
C LYS A 149 -5.49 -19.04 24.71
N LEU A 150 -5.76 -19.16 23.41
CA LEU A 150 -4.82 -19.77 22.48
C LEU A 150 -3.52 -18.94 22.37
N LEU A 151 -3.68 -17.63 22.51
CA LEU A 151 -2.56 -16.69 22.47
C LEU A 151 -1.84 -16.68 23.83
N GLY A 152 -2.37 -17.41 24.80
CA GLY A 152 -1.67 -17.57 26.09
C GLY A 152 -2.12 -16.62 27.19
N ALA A 153 -3.21 -15.89 26.98
CA ALA A 153 -3.66 -14.89 27.94
C ALA A 153 -4.99 -15.25 28.54
N ASN A 154 -5.36 -14.60 29.65
CA ASN A 154 -6.71 -14.73 30.19
C ASN A 154 -7.63 -13.68 29.57
N ALA A 155 -8.92 -13.99 29.43
CA ALA A 155 -9.90 -12.99 29.03
C ALA A 155 -9.94 -11.97 30.17
N ARG A 156 -9.98 -10.70 29.82
CA ARG A 156 -10.21 -9.67 30.83
C ARG A 156 -11.09 -8.63 30.13
N PRO A 157 -11.95 -7.92 30.88
CA PRO A 157 -12.72 -6.84 30.27
C PRO A 157 -11.78 -5.73 29.85
N VAL A 158 -12.07 -5.06 28.75
CA VAL A 158 -11.21 -3.97 28.27
CA VAL A 158 -11.20 -3.96 28.31
C VAL A 158 -12.05 -2.71 28.05
N GLN A 159 -11.63 -1.59 28.64
CA GLN A 159 -12.38 -0.36 28.50
C GLN A 159 -12.57 0.01 27.02
N ALA A 160 -13.76 0.46 26.67
CA ALA A 160 -14.13 0.75 25.28
C ALA A 160 -14.64 2.17 25.23
N TYR A 161 -14.30 2.89 24.13
CA TYR A 161 -14.93 4.19 23.88
C TYR A 161 -15.86 4.05 22.68
N ASP A 162 -16.94 4.82 22.70
CA ASP A 162 -17.90 4.82 21.64
C ASP A 162 -17.52 5.87 20.57
N SER A 163 -17.38 5.41 19.33
CA SER A 163 -16.86 6.26 18.26
C SER A 163 -17.98 6.89 17.46
N HIS A 164 -17.94 8.21 17.35
CA HIS A 164 -19.00 8.96 16.67
C HIS A 164 -18.39 9.56 15.41
N SER A 165 -18.93 10.65 14.87
CA SER A 165 -18.38 11.16 13.60
C SER A 165 -18.32 12.70 13.56
N LEU A 166 -18.30 13.29 12.36
CA LEU A 166 -18.24 14.75 12.23
C LEU A 166 -19.70 15.27 12.35
N ASP A 167 -20.18 15.41 13.58
CA ASP A 167 -21.63 15.36 13.82
C ASP A 167 -22.26 16.72 14.10
N GLY A 168 -21.42 17.71 14.37
CA GLY A 168 -21.91 19.03 14.81
C GLY A 168 -22.49 18.98 16.24
N VAL A 169 -22.93 20.15 16.74
CA VAL A 169 -23.27 20.26 18.17
C VAL A 169 -24.48 19.45 18.61
N LYS A 170 -25.60 19.54 17.88
CA LYS A 170 -26.82 18.83 18.20
C LYS A 170 -26.61 17.31 18.26
N LEU A 171 -26.07 16.75 17.18
CA LEU A 171 -25.94 15.29 17.12
C LEU A 171 -24.81 14.79 18.00
N ALA A 172 -23.70 15.54 18.14
CA ALA A 172 -22.63 15.07 19.03
C ALA A 172 -23.14 14.97 20.48
N THR A 173 -23.95 15.94 20.92
CA THR A 173 -24.50 15.92 22.28
CA THR A 173 -24.46 15.88 22.29
C THR A 173 -25.43 14.72 22.49
N GLU A 174 -26.30 14.50 21.49
CA GLU A 174 -27.25 13.42 21.52
C GLU A 174 -26.52 12.07 21.60
N ARG A 175 -25.56 11.88 20.70
CA ARG A 175 -24.80 10.62 20.73
C ARG A 175 -24.00 10.43 22.01
N ALA A 176 -23.43 11.52 22.52
CA ALA A 176 -22.64 11.45 23.79
C ALA A 176 -23.52 11.08 24.98
N VAL A 177 -24.71 11.68 25.08
CA VAL A 177 -25.66 11.29 26.14
C VAL A 177 -26.02 9.80 26.09
N THR A 178 -26.35 9.32 24.89
CA THR A 178 -26.65 7.89 24.69
C THR A 178 -25.48 6.98 25.10
N ALA A 179 -24.27 7.35 24.69
CA ALA A 179 -23.09 6.53 25.04
C ALA A 179 -22.90 6.50 26.56
N ALA A 180 -23.06 7.65 27.24
CA ALA A 180 -22.90 7.67 28.67
C ALA A 180 -23.97 6.78 29.36
N GLU A 181 -25.20 6.82 28.83
CA GLU A 181 -26.32 6.02 29.39
C GLU A 181 -26.08 4.54 29.21
N LEU A 182 -25.44 4.17 28.10
CA LEU A 182 -25.01 2.80 27.88
C LEU A 182 -23.87 2.28 28.75
N GLY A 183 -23.20 3.16 29.49
CA GLY A 183 -22.10 2.78 30.38
C GLY A 183 -20.69 3.10 29.89
N PHE A 184 -20.57 3.59 28.66
CA PHE A 184 -19.23 3.99 28.17
C PHE A 184 -18.70 5.13 29.00
N ARG A 185 -17.38 5.13 29.18
CA ARG A 185 -16.72 6.18 29.96
C ARG A 185 -15.92 7.11 29.08
N ALA A 186 -16.01 6.93 27.77
CA ALA A 186 -15.37 7.86 26.82
C ALA A 186 -16.06 7.76 25.49
N VAL A 187 -15.94 8.83 24.69
CA VAL A 187 -16.46 8.89 23.33
C VAL A 187 -15.40 9.55 22.48
N LYS A 188 -15.51 9.31 21.19
CA LYS A 188 -14.60 9.95 20.21
C LYS A 188 -15.45 10.65 19.18
N THR A 189 -15.09 11.90 18.91
CA THR A 189 -15.78 12.68 17.87
C THR A 189 -14.77 13.03 16.78
N CYS A 190 -15.27 13.24 15.56
CA CYS A 190 -14.41 13.70 14.47
C CYS A 190 -14.51 15.21 14.41
N ILE A 191 -13.36 15.87 14.34
CA ILE A 191 -13.33 17.33 14.16
C ILE A 191 -12.47 17.68 12.92
N GLY A 192 -12.22 18.96 12.67
CA GLY A 192 -11.68 19.35 11.37
C GLY A 192 -12.72 20.16 10.61
N TYR A 193 -13.51 20.93 11.33
CA TYR A 193 -14.42 21.86 10.69
C TYR A 193 -13.63 23.02 10.07
N PRO A 194 -14.27 23.81 9.19
CA PRO A 194 -13.53 24.95 8.59
C PRO A 194 -12.88 25.90 9.58
N ALA A 195 -13.49 26.12 10.75
CA ALA A 195 -12.92 27.04 11.74
C ALA A 195 -12.58 26.30 13.05
N LEU A 196 -11.45 26.65 13.66
CA LEU A 196 -11.11 26.10 14.99
C LEU A 196 -12.24 26.32 16.01
N ASP A 197 -12.91 27.48 15.97
CA ASP A 197 -13.98 27.71 16.93
C ASP A 197 -15.10 26.69 16.79
N GLN A 198 -15.32 26.17 15.58
CA GLN A 198 -16.27 25.09 15.40
C GLN A 198 -15.83 23.79 16.06
N ASP A 199 -14.56 23.43 15.89
CA ASP A 199 -14.03 22.25 16.60
C ASP A 199 -14.26 22.38 18.09
N LEU A 200 -13.86 23.52 18.64
CA LEU A 200 -13.95 23.79 20.06
C LEU A 200 -15.40 23.74 20.53
N ALA A 201 -16.29 24.32 19.73
CA ALA A 201 -17.72 24.31 20.09
C ALA A 201 -18.25 22.86 20.25
N VAL A 202 -17.87 21.97 19.32
CA VAL A 202 -18.39 20.60 19.40
C VAL A 202 -17.83 19.92 20.65
N VAL A 203 -16.52 20.09 20.87
CA VAL A 203 -15.85 19.41 21.97
C VAL A 203 -16.42 19.93 23.32
N ARG A 204 -16.58 21.24 23.41
CA ARG A 204 -17.20 21.82 24.63
C ARG A 204 -18.61 21.34 24.88
N SER A 205 -19.40 21.20 23.82
CA SER A 205 -20.77 20.73 23.95
CA SER A 205 -20.77 20.74 24.00
C SER A 205 -20.80 19.28 24.49
N ILE A 206 -19.94 18.43 23.94
CA ILE A 206 -19.85 17.05 24.42
C ILE A 206 -19.53 17.03 25.90
N ARG A 207 -18.58 17.88 26.32
CA ARG A 207 -18.17 17.96 27.72
C ARG A 207 -19.37 18.28 28.66
N GLN A 208 -20.24 19.20 28.22
CA GLN A 208 -21.45 19.53 29.02
C GLN A 208 -22.34 18.32 29.12
N ALA A 209 -22.43 17.55 28.04
CA ALA A 209 -23.33 16.38 28.05
C ALA A 209 -22.81 15.24 28.91
N VAL A 210 -21.49 15.06 29.01
CA VAL A 210 -20.95 13.90 29.71
C VAL A 210 -20.32 14.16 31.08
N GLY A 211 -20.04 15.43 31.39
CA GLY A 211 -19.40 15.79 32.65
C GLY A 211 -17.88 15.66 32.63
N ASP A 212 -17.25 16.03 33.75
CA ASP A 212 -15.80 16.15 33.80
C ASP A 212 -15.03 14.83 33.90
N ASP A 213 -15.64 13.80 34.46
CA ASP A 213 -14.92 12.56 34.68
C ASP A 213 -15.28 11.57 33.55
N PHE A 214 -14.83 11.89 32.35
CA PHE A 214 -15.29 11.18 31.16
C PHE A 214 -14.30 11.54 30.09
N GLY A 215 -13.93 10.56 29.25
CA GLY A 215 -12.98 10.83 28.17
C GLY A 215 -13.62 11.38 26.88
N ILE A 216 -12.94 12.36 26.30
CA ILE A 216 -13.32 12.83 24.96
C ILE A 216 -12.13 12.74 24.06
N MET A 217 -12.13 11.74 23.18
CA MET A 217 -11.06 11.60 22.17
C MET A 217 -11.48 12.43 20.97
N VAL A 218 -10.52 13.04 20.29
CA VAL A 218 -10.83 13.82 19.07
C VAL A 218 -10.00 13.31 17.91
N ASP A 219 -10.63 13.23 16.73
CA ASP A 219 -9.98 12.64 15.57
C ASP A 219 -10.01 13.67 14.45
N TYR A 220 -8.85 14.11 14.00
CA TYR A 220 -8.80 15.05 12.87
C TYR A 220 -8.80 14.35 11.51
N ASN A 221 -8.69 13.01 11.52
CA ASN A 221 -8.81 12.21 10.30
C ASN A 221 -7.91 12.77 9.15
N GLN A 222 -6.64 13.07 9.49
CA GLN A 222 -5.58 13.52 8.53
C GLN A 222 -5.85 14.87 7.87
N SER A 223 -6.75 15.68 8.46
CA SER A 223 -7.28 16.84 7.74
C SER A 223 -6.45 18.10 7.83
N LEU A 224 -5.43 18.16 8.69
CA LEU A 224 -4.67 19.41 8.90
C LEU A 224 -3.23 19.33 8.40
N ASP A 225 -2.65 20.50 8.06
CA ASP A 225 -1.21 20.58 7.88
C ASP A 225 -0.58 20.74 9.27
N VAL A 226 0.73 20.52 9.36
CA VAL A 226 1.45 20.59 10.66
C VAL A 226 1.23 21.87 11.46
N PRO A 227 1.46 23.04 10.85
CA PRO A 227 1.26 24.24 11.70
C PRO A 227 -0.20 24.45 12.16
N ALA A 228 -1.19 24.12 11.32
CA ALA A 228 -2.60 24.24 11.72
C ALA A 228 -2.92 23.25 12.85
N ALA A 229 -2.35 22.04 12.72
CA ALA A 229 -2.53 21.00 13.74
C ALA A 229 -1.95 21.45 15.09
N ILE A 230 -0.79 22.11 15.06
CA ILE A 230 -0.17 22.60 16.31
C ILE A 230 -1.10 23.67 16.96
N LYS A 231 -1.62 24.57 16.12
CA LYS A 231 -2.49 25.66 16.62
C LYS A 231 -3.79 25.08 17.17
N ARG A 232 -4.47 24.28 16.38
CA ARG A 232 -5.71 23.69 16.83
C ARG A 232 -5.53 22.79 18.02
N SER A 233 -4.45 21.98 18.00
CA SER A 233 -4.26 21.03 19.09
C SER A 233 -3.94 21.72 20.42
N GLN A 234 -3.21 22.83 20.38
CA GLN A 234 -2.94 23.54 21.62
C GLN A 234 -4.22 24.12 22.23
N ALA A 235 -5.14 24.55 21.36
CA ALA A 235 -6.44 25.05 21.85
C ALA A 235 -7.26 23.89 22.43
N LEU A 236 -7.21 22.74 21.76
CA LEU A 236 -7.98 21.57 22.24
C LEU A 236 -7.42 21.05 23.55
N GLN A 237 -6.10 21.12 23.67
CA GLN A 237 -5.42 20.67 24.86
C GLN A 237 -5.89 21.47 26.08
N GLN A 238 -6.11 22.78 25.89
CA GLN A 238 -6.53 23.68 26.97
C GLN A 238 -7.96 23.30 27.40
N GLU A 239 -8.70 22.79 26.43
CA GLU A 239 -10.05 22.30 26.62
C GLU A 239 -10.12 21.05 27.47
N GLY A 240 -9.13 20.17 27.37
N GLY A 240 -9.18 20.10 27.29
CA GLY A 240 -9.24 18.91 28.05
CA GLY A 240 -8.99 18.91 28.16
C GLY A 240 -9.85 17.94 27.05
C GLY A 240 -9.20 17.49 27.58
N VAL A 241 -8.96 17.33 26.28
CA VAL A 241 -9.29 16.11 25.54
C VAL A 241 -8.34 14.98 25.90
N THR A 242 -8.78 13.75 25.63
CA THR A 242 -8.03 12.56 26.00
C THR A 242 -6.85 12.27 25.05
N TRP A 243 -7.08 12.46 23.76
CA TRP A 243 -6.00 12.42 22.78
C TRP A 243 -6.37 13.14 21.53
N ILE A 244 -5.37 13.41 20.67
CA ILE A 244 -5.61 14.06 19.37
C ILE A 244 -5.15 13.09 18.30
N GLU A 245 -6.09 12.62 17.48
CA GLU A 245 -5.78 11.50 16.62
C GLU A 245 -5.60 11.95 15.15
N GLU A 246 -4.58 11.38 14.48
CA GLU A 246 -4.21 11.65 13.10
C GLU A 246 -4.40 13.10 12.68
N PRO A 247 -3.66 14.00 13.34
CA PRO A 247 -3.81 15.42 13.00
C PRO A 247 -3.40 15.73 11.55
N THR A 248 -2.48 14.94 10.95
CA THR A 248 -2.03 15.25 9.58
C THR A 248 -1.99 13.99 8.71
N LEU A 249 -1.52 14.11 7.46
CA LEU A 249 -1.39 12.94 6.60
C LEU A 249 -0.77 11.75 7.32
N GLN A 250 -1.40 10.57 7.20
CA GLN A 250 -1.01 9.39 7.98
C GLN A 250 0.42 8.94 7.74
N HIS A 251 0.89 9.06 6.50
CA HIS A 251 2.25 8.59 6.18
C HIS A 251 3.32 9.58 6.60
N ASP A 252 2.91 10.78 7.04
CA ASP A 252 3.89 11.81 7.47
C ASP A 252 4.24 11.62 8.95
N TYR A 253 5.09 10.64 9.21
CA TYR A 253 5.48 10.34 10.59
C TYR A 253 6.27 11.48 11.17
N GLU A 254 7.18 12.06 10.35
CA GLU A 254 7.99 13.22 10.83
C GLU A 254 7.06 14.37 11.24
N GLY A 255 6.06 14.64 10.43
CA GLY A 255 5.05 15.65 10.75
C GLY A 255 4.28 15.41 12.05
N HIS A 256 3.89 14.13 12.28
CA HIS A 256 3.27 13.78 13.58
C HIS A 256 4.24 14.02 14.71
N GLN A 257 5.51 13.68 14.50
CA GLN A 257 6.53 13.90 15.55
C GLN A 257 6.57 15.41 15.87
N ARG A 258 6.58 16.27 14.81
CA ARG A 258 6.73 17.71 15.03
C ARG A 258 5.49 18.25 15.76
N ILE A 259 4.32 17.73 15.41
CA ILE A 259 3.08 18.13 16.15
C ILE A 259 3.15 17.65 17.61
N GLN A 260 3.50 16.36 17.82
CA GLN A 260 3.57 15.82 19.19
C GLN A 260 4.56 16.62 20.09
N SER A 261 5.68 17.05 19.47
CA SER A 261 6.73 17.79 20.19
C SER A 261 6.19 19.09 20.78
N LYS A 262 5.11 19.62 20.24
CA LYS A 262 4.48 20.86 20.76
C LYS A 262 3.29 20.65 21.70
N LEU A 263 3.05 19.40 22.10
CA LEU A 263 1.85 19.10 22.87
C LEU A 263 2.16 18.34 24.14
N ASN A 264 1.35 18.59 25.16
CA ASN A 264 1.33 17.77 26.38
C ASN A 264 0.32 16.64 26.23
N VAL A 265 -0.82 16.95 25.65
CA VAL A 265 -1.82 15.89 25.30
C VAL A 265 -1.16 14.88 24.34
N PRO A 266 -1.50 13.59 24.43
CA PRO A 266 -0.83 12.67 23.50
C PRO A 266 -1.46 12.70 22.10
N VAL A 267 -0.61 12.62 21.09
CA VAL A 267 -1.03 12.35 19.70
C VAL A 267 -1.25 10.84 19.56
N GLN A 268 -2.35 10.49 18.88
CA GLN A 268 -2.72 9.09 18.64
C GLN A 268 -2.68 8.83 17.13
N MET A 269 -2.17 7.68 16.71
CA MET A 269 -2.23 7.35 15.26
C MET A 269 -2.02 5.86 15.16
N GLY A 270 -2.11 5.35 13.94
CA GLY A 270 -1.71 3.99 13.70
C GLY A 270 -2.74 3.20 12.91
N GLU A 271 -3.96 3.74 12.78
CA GLU A 271 -5.03 2.98 12.12
C GLU A 271 -4.68 2.70 10.66
N ASN A 272 -3.76 3.52 10.10
CA ASN A 272 -3.36 3.40 8.71
C ASN A 272 -2.03 2.70 8.45
N TRP A 273 -1.35 2.27 9.50
CA TRP A 273 -0.16 1.45 9.31
C TRP A 273 -0.47 0.14 8.63
N LEU A 274 0.27 -0.15 7.55
CA LEU A 274 0.08 -1.39 6.83
C LEU A 274 1.23 -2.29 7.17
N GLY A 275 1.01 -3.17 8.15
CA GLY A 275 2.03 -4.07 8.67
C GLY A 275 2.82 -3.46 9.82
N PRO A 276 3.41 -4.32 10.69
CA PRO A 276 4.27 -3.85 11.79
C PRO A 276 5.46 -3.05 11.29
N GLU A 277 5.90 -3.30 10.04
CA GLU A 277 7.05 -2.58 9.53
C GLU A 277 6.75 -1.07 9.40
N GLU A 278 5.51 -0.69 9.07
CA GLU A 278 5.12 0.74 9.01
CA GLU A 278 5.14 0.73 9.01
C GLU A 278 5.03 1.30 10.41
N MET A 279 4.42 0.55 11.32
CA MET A 279 4.44 0.96 12.74
C MET A 279 5.86 1.20 13.26
N PHE A 280 6.75 0.27 12.93
CA PHE A 280 8.13 0.36 13.38
C PHE A 280 8.83 1.67 12.96
N LYS A 281 8.56 2.10 11.72
CA LYS A 281 9.15 3.32 11.18
C LYS A 281 8.64 4.54 11.95
N ALA A 282 7.34 4.54 12.22
CA ALA A 282 6.75 5.66 12.99
C ALA A 282 7.28 5.69 14.44
N LEU A 283 7.31 4.53 15.10
CA LEU A 283 7.80 4.49 16.48
C LEU A 283 9.29 4.86 16.56
N SER A 284 10.07 4.41 15.58
CA SER A 284 11.50 4.69 15.60
C SER A 284 11.82 6.19 15.62
N ILE A 285 10.94 7.01 15.10
CA ILE A 285 11.22 8.44 15.14
C ILE A 285 10.38 9.19 16.17
N GLY A 286 9.54 8.45 16.88
CA GLY A 286 8.81 9.08 18.01
C GLY A 286 7.64 9.87 17.49
N ALA A 287 6.93 9.33 16.50
CA ALA A 287 5.86 10.07 15.85
C ALA A 287 4.70 10.41 16.79
N SER A 288 4.45 9.58 17.81
CA SER A 288 3.25 9.76 18.67
C SER A 288 3.42 9.05 20.00
N ARG A 289 2.73 9.51 21.04
CA ARG A 289 2.87 8.84 22.32
C ARG A 289 1.88 7.70 22.52
N LEU A 290 0.91 7.59 21.60
CA LEU A 290 -0.07 6.50 21.64
C LEU A 290 -0.06 5.82 20.29
N ALA A 291 -0.52 4.57 20.25
CA ALA A 291 -0.69 3.85 19.02
C ALA A 291 -2.05 3.14 18.99
N MET A 292 -2.62 3.00 17.79
CA MET A 292 -3.86 2.20 17.67
C MET A 292 -3.89 1.44 16.34
N PRO A 293 -3.18 0.32 16.28
CA PRO A 293 -3.27 -0.48 15.04
C PRO A 293 -4.71 -0.95 14.68
N ASP A 294 -4.93 -1.09 13.38
CA ASP A 294 -6.17 -1.67 12.85
C ASP A 294 -5.90 -3.18 12.62
N ALA A 295 -6.73 -4.07 13.19
CA ALA A 295 -6.40 -5.52 13.13
C ALA A 295 -6.20 -5.98 11.69
N MET A 296 -6.96 -5.41 10.76
CA MET A 296 -6.78 -5.76 9.35
C MET A 296 -5.46 -5.20 8.80
N LYS A 297 -5.29 -3.87 8.81
CA LYS A 297 -4.10 -3.28 8.14
C LYS A 297 -2.77 -3.65 8.78
N ILE A 298 -2.77 -3.88 10.10
CA ILE A 298 -1.52 -4.23 10.80
C ILE A 298 -1.07 -5.66 10.42
N GLY A 299 -1.95 -6.46 9.81
CA GLY A 299 -1.55 -7.83 9.37
C GLY A 299 -2.27 -8.91 10.17
N GLY A 300 -3.47 -8.61 10.66
CA GLY A 300 -4.28 -9.65 11.33
C GLY A 300 -3.77 -9.95 12.72
N VAL A 301 -4.06 -11.14 13.22
CA VAL A 301 -3.55 -11.55 14.54
C VAL A 301 -2.03 -11.61 14.52
N THR A 302 -1.46 -12.19 13.46
CA THR A 302 -0.03 -12.35 13.40
C THR A 302 0.68 -10.97 13.46
N GLY A 303 0.17 -10.02 12.69
CA GLY A 303 0.75 -8.67 12.69
C GLY A 303 0.53 -7.95 14.03
N TRP A 304 -0.66 -8.13 14.61
CA TRP A 304 -1.05 -7.49 15.89
C TRP A 304 -0.11 -7.91 17.01
N ILE A 305 0.19 -9.21 17.07
CA ILE A 305 1.10 -9.74 18.14
C ILE A 305 2.50 -9.09 18.00
N ARG A 306 2.96 -8.97 16.75
CA ARG A 306 4.27 -8.35 16.52
C ARG A 306 4.16 -6.87 16.88
N ALA A 307 3.07 -6.22 16.49
CA ALA A 307 2.87 -4.79 16.83
C ALA A 307 2.86 -4.60 18.36
N SER A 308 2.24 -5.55 19.06
CA SER A 308 2.14 -5.49 20.52
CA SER A 308 2.14 -5.47 20.52
C SER A 308 3.53 -5.53 21.18
N ALA A 309 4.43 -6.35 20.63
CA ALA A 309 5.80 -6.47 21.13
C ALA A 309 6.57 -5.16 20.88
N LEU A 310 6.34 -4.51 19.74
CA LEU A 310 6.98 -3.20 19.48
C LEU A 310 6.43 -2.13 20.44
N ALA A 311 5.11 -2.04 20.56
CA ALA A 311 4.52 -1.03 21.46
C ALA A 311 5.07 -1.22 22.89
N GLN A 312 5.19 -2.47 23.34
CA GLN A 312 5.71 -2.70 24.67
C GLN A 312 7.12 -2.11 24.83
N GLN A 313 8.01 -2.42 23.90
CA GLN A 313 9.41 -1.97 24.00
C GLN A 313 9.54 -0.44 23.90
N PHE A 314 8.73 0.17 23.03
CA PHE A 314 8.78 1.61 22.80
C PHE A 314 7.99 2.39 23.87
N GLY A 315 7.31 1.68 24.75
CA GLY A 315 6.59 2.30 25.86
C GLY A 315 5.36 3.08 25.36
N ILE A 316 4.62 2.47 24.43
CA ILE A 316 3.47 3.10 23.80
C ILE A 316 2.19 2.35 24.21
N PRO A 317 1.27 3.03 24.95
CA PRO A 317 -0.05 2.43 25.20
C PRO A 317 -0.76 2.19 23.85
N MET A 318 -1.33 0.99 23.70
CA MET A 318 -1.82 0.52 22.40
C MET A 318 -3.30 0.20 22.45
N SER A 319 -4.05 0.89 21.58
CA SER A 319 -5.48 0.72 21.45
C SER A 319 -5.83 0.08 20.11
N SER A 320 -7.12 -0.16 19.89
CA SER A 320 -7.51 -0.80 18.63
C SER A 320 -8.20 0.18 17.70
N HIS A 321 -8.33 -0.20 16.43
CA HIS A 321 -9.09 0.55 15.45
C HIS A 321 -10.01 -0.42 14.75
N LEU A 322 -11.33 -0.21 14.90
CA LEU A 322 -12.36 -1.09 14.30
C LEU A 322 -12.17 -2.55 14.73
N PHE A 323 -12.81 -3.47 14.00
CA PHE A 323 -12.69 -4.92 14.32
C PHE A 323 -12.82 -5.21 15.79
N GLN A 324 -13.90 -4.68 16.39
CA GLN A 324 -14.07 -4.81 17.82
C GLN A 324 -14.14 -6.26 18.26
N GLU A 325 -14.70 -7.14 17.43
CA GLU A 325 -14.86 -8.56 17.83
C GLU A 325 -13.52 -9.26 18.11
N ILE A 326 -12.59 -9.13 17.18
CA ILE A 326 -11.28 -9.73 17.38
C ILE A 326 -10.40 -8.88 18.29
N SER A 327 -10.58 -7.56 18.28
CA SER A 327 -9.70 -6.69 19.06
C SER A 327 -9.90 -6.88 20.57
N ALA A 328 -11.11 -7.28 21.00
CA ALA A 328 -11.28 -7.60 22.43
C ALA A 328 -10.33 -8.74 22.85
N HIS A 329 -10.22 -9.78 22.04
CA HIS A 329 -9.21 -10.84 22.27
C HIS A 329 -7.79 -10.32 22.22
N LEU A 330 -7.49 -9.60 21.14
CA LEU A 330 -6.11 -9.19 20.92
C LEU A 330 -5.61 -8.24 22.03
N LEU A 331 -6.47 -7.30 22.48
CA LEU A 331 -6.04 -6.33 23.52
C LEU A 331 -5.78 -7.05 24.84
N ALA A 332 -6.49 -8.15 25.09
CA ALA A 332 -6.27 -8.91 26.31
C ALA A 332 -4.89 -9.57 26.32
N ALA A 333 -4.31 -9.80 25.15
CA ALA A 333 -2.96 -10.33 25.07
C ALA A 333 -1.88 -9.23 24.85
N THR A 334 -2.24 -7.97 24.96
CA THR A 334 -1.35 -6.86 24.57
C THR A 334 -0.80 -6.23 25.85
N PRO A 335 0.51 -6.31 26.11
CA PRO A 335 1.05 -5.81 27.40
C PRO A 335 0.72 -4.33 27.71
N THR A 336 0.66 -3.47 26.69
CA THR A 336 0.33 -2.05 26.88
C THR A 336 -1.12 -1.68 26.47
N ALA A 337 -2.04 -2.68 26.54
CA ALA A 337 -3.43 -2.47 26.11
C ALA A 337 -3.97 -1.18 26.72
N HIS A 338 -4.70 -0.40 25.92
CA HIS A 338 -5.16 0.88 26.39
C HIS A 338 -6.65 0.94 26.21
N TRP A 339 -7.16 1.30 25.03
CA TRP A 339 -8.62 1.31 24.80
C TRP A 339 -9.04 0.44 23.64
N LEU A 340 -10.29 -0.06 23.70
CA LEU A 340 -10.93 -0.72 22.56
C LEU A 340 -11.84 0.29 21.89
N GLU A 341 -11.77 0.39 20.56
CA GLU A 341 -12.67 1.27 19.82
C GLU A 341 -13.98 0.52 19.53
N ARG A 342 -15.09 1.04 20.07
CA ARG A 342 -16.39 0.50 19.74
C ARG A 342 -16.94 1.31 18.57
N LEU A 343 -16.88 0.71 17.37
CA LEU A 343 -17.45 1.30 16.17
C LEU A 343 -17.93 0.09 15.41
N ASP A 344 -19.23 -0.19 15.51
CA ASP A 344 -19.73 -1.53 15.24
C ASP A 344 -20.12 -1.65 13.78
N LEU A 345 -19.13 -1.68 12.89
CA LEU A 345 -19.40 -1.77 11.44
C LEU A 345 -20.16 -3.04 11.00
N ALA A 346 -19.90 -4.18 11.66
CA ALA A 346 -20.42 -5.46 11.20
C ALA A 346 -21.58 -6.00 12.04
N GLY A 347 -22.10 -5.16 12.93
CA GLY A 347 -23.22 -5.57 13.82
C GLY A 347 -24.48 -6.08 13.12
N SER A 348 -24.80 -5.57 11.94
N SER A 348 -24.76 -5.57 11.92
CA SER A 348 -25.99 -6.06 11.19
CA SER A 348 -25.92 -6.00 11.10
C SER A 348 -25.84 -7.52 10.77
C SER A 348 -25.82 -7.43 10.60
N VAL A 349 -24.60 -7.98 10.62
CA VAL A 349 -24.35 -9.30 10.03
C VAL A 349 -23.62 -10.27 10.97
N ILE A 350 -23.30 -9.82 12.19
CA ILE A 350 -22.61 -10.69 13.19
C ILE A 350 -23.42 -10.69 14.48
N GLU A 351 -23.63 -11.85 15.08
CA GLU A 351 -24.38 -11.93 16.35
C GLU A 351 -23.66 -11.15 17.45
N PRO A 352 -24.42 -10.44 18.30
CA PRO A 352 -23.81 -9.62 19.35
C PRO A 352 -23.34 -10.45 20.55
N THR A 353 -22.39 -11.34 20.32
CA THR A 353 -21.83 -12.16 21.39
C THR A 353 -20.79 -11.38 22.20
N LEU A 354 -20.17 -10.37 21.58
CA LEU A 354 -19.36 -9.40 22.35
C LEU A 354 -20.31 -8.48 23.12
N THR A 355 -20.13 -8.38 24.44
CA THR A 355 -21.00 -7.52 25.25
C THR A 355 -20.21 -6.45 25.95
N PHE A 356 -20.92 -5.48 26.54
CA PHE A 356 -20.28 -4.38 27.26
C PHE A 356 -20.90 -4.26 28.63
N GLU A 357 -20.05 -4.23 29.65
CA GLU A 357 -20.51 -4.11 31.04
C GLU A 357 -19.69 -2.98 31.62
N GLY A 358 -20.35 -1.92 32.07
CA GLY A 358 -19.64 -0.79 32.64
C GLY A 358 -18.71 -0.16 31.62
N GLY A 359 -19.11 -0.18 30.34
CA GLY A 359 -18.25 0.35 29.24
C GLY A 359 -17.06 -0.51 28.85
N ASN A 360 -16.92 -1.71 29.47
CA ASN A 360 -15.81 -2.62 29.17
C ASN A 360 -16.32 -3.72 28.26
N ALA A 361 -15.58 -3.99 27.19
CA ALA A 361 -15.88 -5.10 26.24
C ALA A 361 -15.62 -6.43 26.98
N VAL A 362 -16.55 -7.37 26.84
CA VAL A 362 -16.45 -8.66 27.52
C VAL A 362 -16.37 -9.75 26.44
N ILE A 363 -15.22 -10.41 26.35
CA ILE A 363 -14.99 -11.50 25.38
C ILE A 363 -16.03 -12.63 25.59
N PRO A 364 -16.72 -13.06 24.52
CA PRO A 364 -17.65 -14.16 24.78
C PRO A 364 -16.92 -15.50 24.99
N ASP A 365 -17.56 -16.41 25.71
CA ASP A 365 -16.95 -17.71 25.98
C ASP A 365 -17.30 -18.64 24.81
N LEU A 366 -16.61 -18.44 23.69
CA LEU A 366 -16.83 -19.18 22.45
C LEU A 366 -15.49 -19.47 21.83
N PRO A 367 -15.38 -20.58 21.10
CA PRO A 367 -14.08 -20.82 20.51
C PRO A 367 -13.69 -19.81 19.40
N GLY A 368 -12.39 -19.68 19.19
CA GLY A 368 -11.88 -18.67 18.24
C GLY A 368 -12.32 -17.27 18.65
N VAL A 369 -12.77 -16.49 17.68
CA VAL A 369 -13.07 -15.08 17.90
C VAL A 369 -14.48 -14.87 18.47
N GLY A 370 -15.39 -15.85 18.28
CA GLY A 370 -16.79 -15.66 18.72
C GLY A 370 -17.67 -14.94 17.70
N ILE A 371 -17.29 -15.00 16.43
CA ILE A 371 -18.07 -14.45 15.33
C ILE A 371 -18.99 -15.56 14.81
N ILE A 372 -20.27 -15.27 14.83
CA ILE A 372 -21.35 -16.13 14.32
C ILE A 372 -22.13 -15.27 13.33
N TRP A 373 -22.15 -15.69 12.06
CA TRP A 373 -22.86 -14.89 11.05
C TRP A 373 -24.35 -14.87 11.26
N ARG A 374 -24.99 -13.75 10.91
CA ARG A 374 -26.42 -13.64 10.85
C ARG A 374 -26.82 -13.95 9.41
N GLU A 375 -26.95 -15.24 9.10
CA GLU A 375 -27.12 -15.68 7.70
C GLU A 375 -28.35 -15.07 7.01
N LYS A 376 -29.47 -14.94 7.72
CA LYS A 376 -30.66 -14.32 7.13
C LYS A 376 -30.43 -12.84 6.77
N GLU A 377 -29.64 -12.15 7.59
CA GLU A 377 -29.36 -10.74 7.38
C GLU A 377 -28.39 -10.50 6.23
N ILE A 378 -27.35 -11.33 6.13
CA ILE A 378 -26.34 -11.18 5.10
C ILE A 378 -26.99 -11.11 3.71
N GLY A 379 -27.98 -11.98 3.49
CA GLY A 379 -28.69 -12.02 2.18
C GLY A 379 -29.31 -10.70 1.76
N LYS A 380 -29.71 -9.88 2.74
CA LYS A 380 -30.28 -8.56 2.48
C LYS A 380 -29.27 -7.60 1.85
N TYR A 381 -27.98 -7.82 2.09
CA TYR A 381 -26.98 -6.78 1.83
C TYR A 381 -25.95 -7.13 0.78
N LEU A 382 -26.09 -8.29 0.15
CA LEU A 382 -25.09 -8.74 -0.81
C LEU A 382 -24.96 -7.81 -2.02
N VAL A 383 -23.73 -7.65 -2.48
CA VAL A 383 -23.42 -6.88 -3.66
C VAL A 383 -23.42 -7.86 -4.82
N GLU B 27 -12.28 23.60 -20.17
CA GLU B 27 -12.18 23.29 -21.63
C GLU B 27 -12.09 21.75 -21.91
N VAL B 28 -11.00 21.07 -21.55
CA VAL B 28 -10.92 19.61 -21.83
C VAL B 28 -11.29 18.70 -20.64
N LEU B 29 -12.31 17.84 -20.85
CA LEU B 29 -12.85 16.98 -19.82
C LEU B 29 -12.55 15.53 -20.12
N ILE B 30 -12.43 14.72 -19.07
CA ILE B 30 -12.39 13.29 -19.24
C ILE B 30 -13.82 12.77 -19.49
N THR B 31 -13.98 11.90 -20.49
CA THR B 31 -15.34 11.44 -20.86
C THR B 31 -15.53 9.96 -20.64
N GLY B 32 -14.44 9.23 -20.43
CA GLY B 32 -14.57 7.79 -20.19
C GLY B 32 -13.27 7.08 -19.87
N LEU B 33 -13.37 5.90 -19.26
CA LEU B 33 -12.20 5.09 -19.00
C LEU B 33 -12.50 3.67 -19.43
N ARG B 34 -11.61 3.07 -20.21
CA ARG B 34 -11.75 1.67 -20.57
C ARG B 34 -10.50 0.91 -20.18
N THR B 35 -10.66 -0.26 -19.58
CA THR B 35 -9.48 -1.07 -19.26
C THR B 35 -9.59 -2.45 -19.90
N ARG B 36 -8.45 -3.01 -20.24
CA ARG B 36 -8.37 -4.39 -20.73
C ARG B 36 -7.23 -5.11 -20.02
N ALA B 37 -7.57 -6.22 -19.37
CA ALA B 37 -6.59 -7.07 -18.70
C ALA B 37 -6.04 -8.12 -19.66
N VAL B 38 -4.72 -8.16 -19.83
CA VAL B 38 -4.08 -9.13 -20.74
C VAL B 38 -2.95 -9.87 -20.02
N ASN B 39 -2.69 -11.10 -20.48
CA ASN B 39 -1.46 -11.83 -20.14
CA ASN B 39 -1.45 -11.79 -20.13
C ASN B 39 -0.68 -11.98 -21.42
N VAL B 40 0.39 -11.20 -21.58
CA VAL B 40 1.13 -11.13 -22.87
C VAL B 40 2.46 -11.88 -22.88
N PRO B 41 2.88 -12.40 -24.05
CA PRO B 41 4.13 -13.15 -24.09
C PRO B 41 5.32 -12.20 -24.02
N LEU B 42 6.41 -12.69 -23.44
CA LEU B 42 7.64 -11.94 -23.31
C LEU B 42 8.68 -12.40 -24.33
N ALA B 43 9.33 -11.43 -24.98
CA ALA B 43 10.46 -11.67 -25.87
C ALA B 43 11.41 -12.70 -25.25
N TYR B 44 12.01 -12.37 -24.12
CA TYR B 44 12.74 -13.38 -23.35
C TYR B 44 11.96 -13.72 -22.07
N PRO B 45 11.65 -15.02 -21.90
CA PRO B 45 11.05 -15.45 -20.65
C PRO B 45 11.90 -15.09 -19.44
N VAL B 46 11.25 -14.86 -18.32
CA VAL B 46 11.96 -14.68 -17.07
C VAL B 46 12.15 -16.05 -16.41
N HIS B 47 13.40 -16.36 -16.03
CA HIS B 47 13.69 -17.54 -15.21
C HIS B 47 13.89 -17.11 -13.80
N GLY B 54 7.06 -16.38 -18.44
CA GLY B 54 6.94 -16.27 -19.91
C GLY B 54 5.85 -15.33 -20.41
N THR B 55 4.97 -14.92 -19.50
CA THR B 55 3.95 -13.90 -19.82
C THR B 55 3.90 -12.80 -18.74
N ALA B 56 3.41 -11.62 -19.11
CA ALA B 56 3.27 -10.49 -18.18
C ALA B 56 1.78 -10.14 -18.03
N PRO B 57 1.28 -10.03 -16.78
CA PRO B 57 -0.08 -9.57 -16.59
C PRO B 57 -0.18 -8.04 -16.61
N LEU B 58 -0.89 -7.49 -17.60
CA LEU B 58 -0.97 -6.02 -17.80
C LEU B 58 -2.41 -5.57 -17.82
N VAL B 59 -2.65 -4.31 -17.40
CA VAL B 59 -3.93 -3.65 -17.59
C VAL B 59 -3.68 -2.50 -18.57
N LEU B 60 -4.34 -2.55 -19.72
CA LEU B 60 -4.19 -1.53 -20.75
C LEU B 60 -5.29 -0.51 -20.56
N ILE B 61 -4.93 0.76 -20.54
CA ILE B 61 -5.85 1.81 -20.15
C ILE B 61 -6.09 2.80 -21.30
N ASP B 62 -7.36 3.12 -21.56
CA ASP B 62 -7.73 4.15 -22.54
C ASP B 62 -8.53 5.19 -21.80
N LEU B 63 -8.10 6.44 -21.90
CA LEU B 63 -8.78 7.56 -21.27
C LEU B 63 -9.37 8.50 -22.34
N ALA B 64 -10.68 8.45 -22.52
CA ALA B 64 -11.35 9.26 -23.55
C ALA B 64 -11.52 10.69 -23.04
N THR B 65 -11.41 11.67 -23.95
CA THR B 65 -11.56 13.09 -23.60
C THR B 65 -12.56 13.81 -24.50
N SER B 66 -13.05 14.96 -24.05
CA SER B 66 -13.96 15.78 -24.82
C SER B 66 -13.27 16.44 -26.02
N ALA B 67 -11.94 16.37 -26.09
CA ALA B 67 -11.20 16.97 -27.21
C ALA B 67 -11.04 15.99 -28.36
N GLY B 68 -11.60 14.80 -28.20
CA GLY B 68 -11.47 13.75 -29.21
C GLY B 68 -10.20 12.90 -29.17
N VAL B 69 -9.26 13.21 -28.28
CA VAL B 69 -8.05 12.41 -28.17
C VAL B 69 -8.26 11.34 -27.08
N VAL B 70 -7.52 10.25 -27.18
CA VAL B 70 -7.59 9.16 -26.20
C VAL B 70 -6.21 8.91 -25.64
N GLY B 71 -6.09 9.09 -24.33
CA GLY B 71 -4.82 8.79 -23.66
C GLY B 71 -4.63 7.30 -23.44
N HIS B 72 -3.40 6.84 -23.58
CA HIS B 72 -3.06 5.44 -23.36
C HIS B 72 -2.01 5.30 -22.30
N SER B 73 -2.21 4.33 -21.43
CA SER B 73 -1.15 3.88 -20.54
C SER B 73 -1.34 2.39 -20.25
N TYR B 74 -0.45 1.81 -19.48
CA TYR B 74 -0.76 0.48 -18.98
C TYR B 74 -0.18 0.28 -17.60
N LEU B 75 -0.69 -0.72 -16.90
CA LEU B 75 -0.12 -1.12 -15.62
C LEU B 75 0.43 -2.51 -15.73
N PHE B 76 1.47 -2.79 -14.96
CA PHE B 76 1.99 -4.13 -14.72
C PHE B 76 1.42 -4.63 -13.39
N ALA B 77 0.79 -5.80 -13.39
CA ALA B 77 0.20 -6.37 -12.16
C ALA B 77 1.13 -7.31 -11.38
N TYR B 78 2.33 -7.59 -11.91
CA TYR B 78 3.37 -8.46 -11.27
C TYR B 78 3.03 -9.92 -11.22
N THR B 79 1.82 -10.20 -10.78
CA THR B 79 1.30 -11.58 -10.68
C THR B 79 -0.11 -11.61 -11.18
N PRO B 80 -0.49 -12.69 -11.91
CA PRO B 80 -1.87 -12.84 -12.39
C PRO B 80 -2.87 -12.76 -11.23
N VAL B 81 -2.42 -13.14 -10.03
CA VAL B 81 -3.28 -13.06 -8.84
C VAL B 81 -3.87 -11.64 -8.61
N ALA B 82 -3.10 -10.61 -8.96
CA ALA B 82 -3.58 -9.22 -8.76
C ALA B 82 -4.28 -8.60 -9.99
N LEU B 83 -4.25 -9.31 -11.10
CA LEU B 83 -4.67 -8.72 -12.37
C LEU B 83 -6.14 -8.35 -12.45
N LYS B 84 -7.06 -9.27 -12.14
CA LYS B 84 -8.47 -8.92 -12.22
C LYS B 84 -8.87 -7.87 -11.18
N SER B 85 -8.24 -7.94 -10.01
CA SER B 85 -8.47 -6.98 -8.94
C SER B 85 -8.12 -5.56 -9.40
N LEU B 86 -6.97 -5.43 -10.06
CA LEU B 86 -6.51 -4.10 -10.51
C LEU B 86 -7.44 -3.53 -11.59
N LYS B 87 -7.84 -4.39 -12.54
CA LYS B 87 -8.82 -3.96 -13.56
C LYS B 87 -10.15 -3.55 -12.91
N GLN B 88 -10.66 -4.37 -11.99
CA GLN B 88 -11.91 -4.07 -11.33
C GLN B 88 -11.83 -2.73 -10.60
N LEU B 89 -10.72 -2.51 -9.89
CA LEU B 89 -10.56 -1.24 -9.17
C LEU B 89 -10.64 -0.03 -10.12
N LEU B 90 -9.87 -0.07 -11.19
CA LEU B 90 -9.90 1.01 -12.23
C LEU B 90 -11.28 1.24 -12.78
N ASP B 91 -12.00 0.16 -13.10
CA ASP B 91 -13.36 0.32 -13.64
C ASP B 91 -14.27 1.01 -12.62
N ASP B 92 -14.10 0.65 -11.35
CA ASP B 92 -14.91 1.26 -10.30
C ASP B 92 -14.49 2.71 -10.02
N MET B 93 -13.28 3.07 -10.42
CA MET B 93 -12.79 4.44 -10.28
CA MET B 93 -12.76 4.44 -10.31
C MET B 93 -13.26 5.34 -11.44
N ALA B 94 -13.89 4.73 -12.45
CA ALA B 94 -14.30 5.52 -13.64
C ALA B 94 -15.21 6.66 -13.23
N ALA B 95 -16.17 6.40 -12.36
CA ALA B 95 -17.14 7.42 -11.96
C ALA B 95 -16.51 8.62 -11.25
N MET B 96 -15.39 8.41 -10.56
CA MET B 96 -14.65 9.48 -9.87
C MET B 96 -14.01 10.48 -10.84
N ILE B 97 -13.64 10.01 -12.04
CA ILE B 97 -12.81 10.85 -12.92
C ILE B 97 -13.56 11.36 -14.14
N VAL B 98 -14.64 10.68 -14.52
CA VAL B 98 -15.40 11.10 -15.72
C VAL B 98 -16.05 12.45 -15.40
N ASN B 99 -15.93 13.41 -16.34
CA ASN B 99 -16.42 14.80 -16.18
C ASN B 99 -15.48 15.70 -15.43
N GLU B 100 -14.35 15.18 -14.97
CA GLU B 100 -13.34 16.01 -14.35
C GLU B 100 -12.48 16.57 -15.44
N PRO B 101 -11.90 17.77 -15.22
CA PRO B 101 -10.98 18.30 -16.25
C PRO B 101 -9.76 17.40 -16.44
N LEU B 102 -9.21 17.42 -17.66
CA LEU B 102 -7.95 16.74 -17.96
C LEU B 102 -6.77 17.56 -17.42
N ALA B 103 -6.62 17.50 -16.11
CA ALA B 103 -5.57 18.21 -15.38
C ALA B 103 -4.96 17.18 -14.40
N PRO B 104 -3.90 16.50 -14.82
CA PRO B 104 -3.36 15.36 -14.05
C PRO B 104 -2.97 15.70 -12.62
N VAL B 105 -2.40 16.89 -12.43
CA VAL B 105 -1.98 17.31 -11.08
C VAL B 105 -3.19 17.48 -10.15
N SER B 106 -4.24 18.13 -10.64
CA SER B 106 -5.46 18.34 -9.83
C SER B 106 -6.18 17.00 -9.63
N LEU B 107 -6.18 16.14 -10.66
CA LEU B 107 -6.80 14.82 -10.54
C LEU B 107 -6.10 13.96 -9.48
N GLU B 108 -4.75 13.99 -9.48
CA GLU B 108 -3.91 13.25 -8.51
C GLU B 108 -4.27 13.69 -7.09
N ALA B 109 -4.38 15.00 -6.88
CA ALA B 109 -4.78 15.53 -5.55
C ALA B 109 -6.15 15.02 -5.11
N MET B 110 -7.08 14.99 -6.05
CA MET B 110 -8.43 14.49 -5.76
C MET B 110 -8.39 13.01 -5.37
N LEU B 111 -7.62 12.22 -6.09
CA LEU B 111 -7.57 10.78 -5.79
C LEU B 111 -6.86 10.51 -4.44
N ALA B 112 -5.80 11.28 -4.16
CA ALA B 112 -5.09 11.17 -2.91
C ALA B 112 -6.04 11.41 -1.73
N LYS B 113 -6.88 12.43 -1.87
CA LYS B 113 -7.85 12.74 -0.80
C LYS B 113 -8.91 11.64 -0.70
N ARG B 114 -9.45 11.20 -1.83
CA ARG B 114 -10.54 10.20 -1.80
C ARG B 114 -10.10 8.86 -1.24
N PHE B 115 -8.84 8.51 -1.45
CA PHE B 115 -8.31 7.25 -0.95
C PHE B 115 -7.49 7.39 0.32
N SER B 116 -7.63 8.52 0.99
CA SER B 116 -6.79 8.76 2.21
C SER B 116 -7.13 7.77 3.32
N LEU B 117 -8.36 7.26 3.36
CA LEU B 117 -8.72 6.31 4.43
C LEU B 117 -8.42 4.87 4.05
N ALA B 118 -8.76 4.53 2.81
CA ALA B 118 -8.49 3.19 2.29
C ALA B 118 -6.99 2.91 2.27
N GLY B 119 -6.21 3.97 2.07
CA GLY B 119 -4.76 3.81 2.00
C GLY B 119 -4.28 4.07 0.56
N TYR B 120 -3.67 5.24 0.34
CA TYR B 120 -3.28 5.64 -1.00
C TYR B 120 -1.92 5.05 -1.36
N THR B 121 -1.90 3.72 -1.45
CA THR B 121 -0.69 2.99 -1.65
C THR B 121 -1.04 1.68 -2.39
N GLY B 122 -0.05 0.85 -2.68
CA GLY B 122 -0.28 -0.49 -3.25
C GLY B 122 -1.12 -0.40 -4.51
N LEU B 123 -2.06 -1.35 -4.67
CA LEU B 123 -2.91 -1.39 -5.92
C LEU B 123 -3.68 -0.10 -6.19
N ILE B 124 -4.24 0.53 -5.16
CA ILE B 124 -4.93 1.80 -5.33
C ILE B 124 -4.01 2.87 -5.97
N ARG B 125 -2.80 2.98 -5.44
CA ARG B 125 -1.87 4.01 -5.93
C ARG B 125 -1.43 3.68 -7.35
N MET B 126 -1.21 2.39 -7.62
CA MET B 126 -0.90 1.93 -8.97
C MET B 126 -1.99 2.29 -9.98
N ALA B 127 -3.25 2.07 -9.59
CA ALA B 127 -4.40 2.42 -10.41
C ALA B 127 -4.43 3.94 -10.64
N ALA B 128 -4.24 4.73 -9.56
CA ALA B 128 -4.17 6.19 -9.76
C ALA B 128 -3.06 6.57 -10.73
N ALA B 129 -1.92 5.90 -10.64
CA ALA B 129 -0.80 6.23 -11.52
C ALA B 129 -1.11 5.87 -12.98
N GLY B 130 -1.82 4.75 -13.20
CA GLY B 130 -2.26 4.41 -14.57
C GLY B 130 -3.13 5.52 -15.18
N ILE B 131 -4.07 6.04 -14.40
CA ILE B 131 -4.87 7.20 -14.80
C ILE B 131 -3.97 8.39 -15.09
N ASP B 132 -3.02 8.67 -14.19
CA ASP B 132 -2.11 9.82 -14.40
C ASP B 132 -1.34 9.71 -15.73
N MET B 133 -0.78 8.53 -16.03
CA MET B 133 0.03 8.38 -17.23
C MET B 133 -0.81 8.51 -18.50
N ALA B 134 -2.03 7.98 -18.46
CA ALA B 134 -2.97 8.14 -19.61
C ALA B 134 -3.44 9.60 -19.76
N ALA B 135 -3.68 10.27 -18.64
CA ALA B 135 -4.02 11.70 -18.69
C ALA B 135 -2.92 12.60 -19.28
N TRP B 136 -1.67 12.39 -18.87
CA TRP B 136 -0.56 13.15 -19.47
C TRP B 136 -0.34 12.79 -20.95
N ASP B 137 -0.54 11.53 -21.29
CA ASP B 137 -0.55 11.13 -22.71
C ASP B 137 -1.62 11.91 -23.49
N ALA B 138 -2.83 11.93 -22.96
CA ALA B 138 -3.92 12.72 -23.53
C ALA B 138 -3.59 14.21 -23.60
N LEU B 139 -3.00 14.77 -22.53
CA LEU B 139 -2.65 16.22 -22.55
C LEU B 139 -1.61 16.53 -23.65
N GLY B 140 -0.63 15.64 -23.83
CA GLY B 140 0.34 15.74 -24.94
C GLY B 140 -0.36 15.74 -26.30
N LYS B 141 -1.31 14.82 -26.49
CA LYS B 141 -2.15 14.76 -27.71
C LYS B 141 -3.00 16.02 -27.93
N VAL B 142 -3.59 16.54 -26.85
CA VAL B 142 -4.39 17.74 -26.94
C VAL B 142 -3.55 18.88 -27.50
N HIS B 143 -2.28 18.93 -27.10
CA HIS B 143 -1.35 19.97 -27.58
C HIS B 143 -0.48 19.57 -28.74
N GLU B 144 -0.70 18.36 -29.26
CA GLU B 144 0.07 17.80 -30.40
C GLU B 144 1.55 17.88 -30.18
N THR B 145 2.02 17.44 -29.01
CA THR B 145 3.40 17.62 -28.66
C THR B 145 3.84 16.39 -27.87
N PRO B 146 5.08 15.90 -28.09
CA PRO B 146 5.58 14.78 -27.30
C PRO B 146 5.63 15.19 -25.82
N LEU B 147 5.42 14.22 -24.94
CA LEU B 147 5.35 14.48 -23.49
C LEU B 147 6.60 15.20 -23.00
N VAL B 148 7.79 14.77 -23.44
CA VAL B 148 9.02 15.42 -23.00
C VAL B 148 8.98 16.94 -23.24
N LYS B 149 8.40 17.38 -24.37
CA LYS B 149 8.38 18.85 -24.68
C LYS B 149 7.33 19.55 -23.85
N LEU B 150 6.24 18.86 -23.55
CA LEU B 150 5.20 19.43 -22.68
C LEU B 150 5.75 19.66 -21.28
N LEU B 151 6.67 18.78 -20.88
CA LEU B 151 7.33 18.91 -19.59
C LEU B 151 8.39 20.04 -19.53
N GLY B 152 8.59 20.70 -20.68
CA GLY B 152 9.57 21.78 -20.78
C GLY B 152 10.99 21.37 -21.12
N ALA B 153 11.21 20.13 -21.53
CA ALA B 153 12.55 19.66 -21.85
C ALA B 153 12.71 19.34 -23.34
N ASN B 154 13.97 19.24 -23.82
CA ASN B 154 14.28 18.73 -25.20
C ASN B 154 14.43 17.22 -25.18
N ALA B 155 14.01 16.53 -26.26
CA ALA B 155 14.28 15.09 -26.36
C ALA B 155 15.79 14.92 -26.41
N ARG B 156 16.31 13.87 -25.80
CA ARG B 156 17.73 13.53 -25.95
C ARG B 156 17.76 12.02 -25.86
N PRO B 157 18.75 11.36 -26.51
CA PRO B 157 18.86 9.91 -26.30
C PRO B 157 19.25 9.63 -24.84
N VAL B 158 18.81 8.51 -24.28
CA VAL B 158 19.21 8.09 -22.93
CA VAL B 158 19.28 8.12 -22.94
C VAL B 158 19.82 6.70 -22.97
N GLN B 159 20.98 6.54 -22.38
CA GLN B 159 21.64 5.24 -22.33
C GLN B 159 20.70 4.25 -21.62
N ALA B 160 20.60 3.06 -22.20
CA ALA B 160 19.77 2.00 -21.67
C ALA B 160 20.57 0.75 -21.44
N TYR B 161 20.18 0.01 -20.42
CA TYR B 161 20.78 -1.28 -20.19
C TYR B 161 19.77 -2.36 -20.46
N ASP B 162 20.24 -3.51 -20.92
CA ASP B 162 19.33 -4.58 -21.28
C ASP B 162 19.14 -5.46 -20.07
N SER B 163 17.90 -5.62 -19.65
CA SER B 163 17.63 -6.31 -18.41
C SER B 163 17.28 -7.78 -18.60
N HIS B 164 18.08 -8.66 -17.98
CA HIS B 164 17.86 -10.09 -18.09
C HIS B 164 17.32 -10.65 -16.80
N SER B 165 17.47 -11.95 -16.56
CA SER B 165 16.92 -12.54 -15.34
C SER B 165 17.88 -13.52 -14.67
N LEU B 166 17.36 -14.40 -13.82
CA LEU B 166 18.17 -15.35 -13.07
C LEU B 166 18.42 -16.54 -14.01
N ASP B 167 19.41 -16.39 -14.88
CA ASP B 167 19.41 -17.14 -16.14
C ASP B 167 20.37 -18.32 -16.18
N GLY B 168 21.23 -18.43 -15.18
CA GLY B 168 22.30 -19.43 -15.16
C GLY B 168 23.44 -18.95 -16.04
N VAL B 169 24.62 -19.57 -15.90
CA VAL B 169 25.84 -19.09 -16.58
C VAL B 169 25.69 -19.08 -18.09
N LYS B 170 25.15 -20.17 -18.65
CA LYS B 170 25.07 -20.31 -20.11
C LYS B 170 24.21 -19.20 -20.74
N LEU B 171 22.94 -19.12 -20.35
CA LEU B 171 22.02 -18.15 -20.94
C LEU B 171 22.34 -16.69 -20.61
N ALA B 172 22.86 -16.44 -19.40
CA ALA B 172 23.23 -15.07 -19.03
C ALA B 172 24.32 -14.58 -19.94
N THR B 173 25.30 -15.46 -20.18
CA THR B 173 26.46 -15.07 -21.01
C THR B 173 25.99 -14.84 -22.45
N GLU B 174 25.17 -15.75 -22.96
CA GLU B 174 24.53 -15.63 -24.28
C GLU B 174 23.79 -14.32 -24.47
N ARG B 175 22.90 -14.04 -23.52
CA ARG B 175 22.08 -12.84 -23.60
C ARG B 175 22.92 -11.57 -23.52
N ALA B 176 24.02 -11.60 -22.75
CA ALA B 176 24.90 -10.43 -22.67
C ALA B 176 25.60 -10.21 -24.01
N VAL B 177 26.02 -11.30 -24.67
CA VAL B 177 26.68 -11.18 -25.98
C VAL B 177 25.72 -10.56 -26.99
N THR B 178 24.50 -11.09 -27.05
CA THR B 178 23.46 -10.58 -27.91
C THR B 178 23.17 -9.08 -27.67
N ALA B 179 23.06 -8.70 -26.39
CA ALA B 179 22.90 -7.30 -26.02
C ALA B 179 24.09 -6.47 -26.48
N ALA B 180 25.32 -6.95 -26.28
CA ALA B 180 26.49 -6.19 -26.72
C ALA B 180 26.46 -6.01 -28.25
N GLU B 181 26.11 -7.08 -28.96
CA GLU B 181 25.98 -6.99 -30.43
C GLU B 181 24.97 -5.95 -30.87
N LEU B 182 23.86 -5.84 -30.15
CA LEU B 182 22.83 -4.86 -30.47
C LEU B 182 23.18 -3.42 -30.12
N GLY B 183 24.34 -3.20 -29.51
CA GLY B 183 24.80 -1.85 -29.21
C GLY B 183 24.58 -1.39 -27.75
N PHE B 184 23.97 -2.22 -26.92
CA PHE B 184 23.81 -1.88 -25.49
C PHE B 184 25.18 -1.93 -24.83
N ARG B 185 25.42 -0.96 -23.93
CA ARG B 185 26.72 -0.82 -23.24
C ARG B 185 26.69 -1.37 -21.81
N ALA B 186 25.55 -1.93 -21.42
CA ALA B 186 25.40 -2.54 -20.10
C ALA B 186 24.27 -3.54 -20.13
N VAL B 187 24.38 -4.54 -19.26
CA VAL B 187 23.28 -5.48 -19.02
C VAL B 187 23.01 -5.62 -17.51
N LYS B 188 21.81 -6.04 -17.16
CA LYS B 188 21.54 -6.40 -15.77
C LYS B 188 21.16 -7.87 -15.69
N THR B 189 21.78 -8.56 -14.76
CA THR B 189 21.44 -9.93 -14.49
C THR B 189 20.93 -10.07 -13.06
N CYS B 190 20.06 -11.04 -12.84
CA CYS B 190 19.55 -11.35 -11.53
C CYS B 190 20.43 -12.41 -10.93
N ILE B 191 20.89 -12.13 -9.71
CA ILE B 191 21.69 -13.09 -8.93
C ILE B 191 20.99 -13.42 -7.62
N GLY B 192 21.67 -14.12 -6.72
CA GLY B 192 20.99 -14.69 -5.56
C GLY B 192 20.82 -16.19 -5.69
N TYR B 193 21.79 -16.85 -6.32
CA TYR B 193 21.84 -18.32 -6.37
C TYR B 193 22.10 -18.88 -4.98
N PRO B 194 21.80 -20.19 -4.76
CA PRO B 194 22.06 -20.75 -3.44
C PRO B 194 23.47 -20.46 -2.91
N ALA B 195 24.50 -20.49 -3.75
CA ALA B 195 25.86 -20.17 -3.27
C ALA B 195 26.39 -18.88 -3.87
N LEU B 196 27.09 -18.08 -3.05
CA LEU B 196 27.84 -16.94 -3.55
C LEU B 196 28.74 -17.32 -4.75
N ASP B 197 29.40 -18.47 -4.68
CA ASP B 197 30.23 -18.94 -5.82
C ASP B 197 29.47 -18.98 -7.17
N GLN B 198 28.18 -19.33 -7.14
CA GLN B 198 27.35 -19.27 -8.35
C GLN B 198 27.11 -17.84 -8.85
N ASP B 199 26.77 -16.89 -7.96
CA ASP B 199 26.73 -15.46 -8.30
C ASP B 199 28.00 -15.01 -9.04
N LEU B 200 29.14 -15.35 -8.43
CA LEU B 200 30.44 -14.95 -8.96
C LEU B 200 30.75 -15.59 -10.32
N ALA B 201 30.40 -16.87 -10.49
CA ALA B 201 30.62 -17.59 -11.77
C ALA B 201 29.84 -16.93 -12.91
N VAL B 202 28.61 -16.51 -12.63
CA VAL B 202 27.78 -15.82 -13.63
C VAL B 202 28.41 -14.50 -14.04
N VAL B 203 28.80 -13.71 -13.05
CA VAL B 203 29.38 -12.41 -13.33
C VAL B 203 30.72 -12.56 -14.07
N ARG B 204 31.54 -13.52 -13.67
CA ARG B 204 32.84 -13.73 -14.34
C ARG B 204 32.70 -14.14 -15.81
N SER B 205 31.74 -15.02 -16.09
CA SER B 205 31.46 -15.49 -17.45
C SER B 205 30.90 -14.35 -18.34
N ILE B 206 29.99 -13.54 -17.80
CA ILE B 206 29.53 -12.36 -18.53
C ILE B 206 30.72 -11.45 -18.85
N ARG B 207 31.53 -11.14 -17.83
CA ARG B 207 32.69 -10.24 -17.97
C ARG B 207 33.71 -10.72 -19.03
N GLN B 208 34.01 -12.01 -19.01
CA GLN B 208 34.89 -12.61 -20.05
C GLN B 208 34.31 -12.36 -21.43
N ALA B 209 33.01 -12.61 -21.60
CA ALA B 209 32.37 -12.49 -22.90
C ALA B 209 32.21 -11.05 -23.39
N VAL B 210 32.00 -10.09 -22.49
CA VAL B 210 31.76 -8.70 -22.91
C VAL B 210 32.97 -7.77 -22.78
N GLY B 211 33.97 -8.18 -22.01
CA GLY B 211 35.14 -7.34 -21.80
C GLY B 211 34.97 -6.34 -20.67
N ASP B 212 36.01 -5.55 -20.43
CA ASP B 212 36.07 -4.67 -19.25
C ASP B 212 35.37 -3.32 -19.42
N ASP B 213 35.21 -2.89 -20.66
CA ASP B 213 34.54 -1.65 -20.97
C ASP B 213 33.05 -1.91 -21.26
N PHE B 214 32.33 -2.36 -20.22
CA PHE B 214 30.94 -2.78 -20.37
C PHE B 214 30.33 -2.82 -18.97
N GLY B 215 29.08 -2.40 -18.85
CA GLY B 215 28.42 -2.40 -17.53
C GLY B 215 27.74 -3.72 -17.21
N ILE B 216 28.02 -4.23 -16.01
CA ILE B 216 27.28 -5.37 -15.50
C ILE B 216 26.60 -4.96 -14.18
N MET B 217 25.30 -4.68 -14.27
CA MET B 217 24.47 -4.43 -13.07
C MET B 217 24.00 -5.77 -12.51
N VAL B 218 23.93 -5.90 -11.18
CA VAL B 218 23.42 -7.13 -10.58
C VAL B 218 22.26 -6.82 -9.64
N ASP B 219 21.26 -7.69 -9.65
CA ASP B 219 20.02 -7.48 -8.91
C ASP B 219 19.79 -8.70 -8.04
N TYR B 220 19.69 -8.46 -6.73
CA TYR B 220 19.45 -9.52 -5.78
C TYR B 220 17.99 -9.71 -5.51
N ASN B 221 17.17 -8.77 -6.01
CA ASN B 221 15.70 -8.88 -5.94
C ASN B 221 15.21 -9.25 -4.52
N GLN B 222 15.81 -8.57 -3.53
CA GLN B 222 15.40 -8.58 -2.12
C GLN B 222 15.69 -9.92 -1.44
N SER B 223 16.65 -10.67 -1.96
CA SER B 223 16.73 -12.08 -1.57
C SER B 223 17.55 -12.33 -0.32
N LEU B 224 18.33 -11.34 0.13
CA LEU B 224 19.31 -11.56 1.18
C LEU B 224 18.99 -10.81 2.49
N ASP B 225 19.41 -11.36 3.61
CA ASP B 225 19.42 -10.59 4.86
C ASP B 225 20.63 -9.66 4.83
N VAL B 226 20.68 -8.71 5.77
CA VAL B 226 21.74 -7.69 5.78
C VAL B 226 23.16 -8.29 5.88
N PRO B 227 23.42 -9.21 6.83
CA PRO B 227 24.77 -9.79 6.84
C PRO B 227 25.14 -10.55 5.57
N ALA B 228 24.23 -11.35 5.04
CA ALA B 228 24.53 -12.10 3.81
C ALA B 228 24.78 -11.10 2.68
N ALA B 229 23.97 -10.03 2.62
CA ALA B 229 24.14 -8.97 1.61
C ALA B 229 25.50 -8.28 1.71
N ILE B 230 25.98 -8.04 2.94
CA ILE B 230 27.28 -7.39 3.08
C ILE B 230 28.36 -8.33 2.54
N LYS B 231 28.25 -9.60 2.89
CA LYS B 231 29.29 -10.57 2.47
C LYS B 231 29.28 -10.76 0.94
N ARG B 232 28.12 -11.04 0.38
CA ARG B 232 28.03 -11.29 -1.06
C ARG B 232 28.40 -10.03 -1.80
N SER B 233 27.93 -8.87 -1.32
CA SER B 233 28.18 -7.64 -2.04
C SER B 233 29.64 -7.24 -2.04
N GLN B 234 30.36 -7.48 -0.94
CA GLN B 234 31.77 -7.13 -0.92
C GLN B 234 32.56 -8.05 -1.88
N ALA B 235 32.14 -9.30 -2.01
CA ALA B 235 32.76 -10.21 -2.99
C ALA B 235 32.47 -9.73 -4.42
N LEU B 236 31.22 -9.35 -4.70
CA LEU B 236 30.86 -8.88 -6.04
C LEU B 236 31.57 -7.58 -6.42
N GLN B 237 31.75 -6.74 -5.41
CA GLN B 237 32.49 -5.51 -5.54
C GLN B 237 33.91 -5.74 -6.04
N GLN B 238 34.57 -6.76 -5.48
CA GLN B 238 35.95 -7.13 -5.86
C GLN B 238 35.96 -7.66 -7.29
N GLU B 239 34.84 -8.26 -7.66
CA GLU B 239 34.62 -8.75 -9.01
C GLU B 239 34.58 -7.60 -10.03
N GLY B 240 33.84 -6.55 -9.72
N GLY B 240 33.74 -6.56 -9.81
CA GLY B 240 33.68 -5.46 -10.65
CA GLY B 240 33.77 -5.32 -10.63
C GLY B 240 32.28 -5.57 -11.19
C GLY B 240 32.48 -4.66 -11.17
N VAL B 241 31.35 -4.90 -10.50
CA VAL B 241 30.00 -4.69 -11.02
C VAL B 241 29.62 -3.20 -11.01
N THR B 242 28.57 -2.86 -11.73
CA THR B 242 28.18 -1.45 -11.92
C THR B 242 27.34 -0.92 -10.73
N TRP B 243 26.43 -1.77 -10.27
CA TRP B 243 25.68 -1.51 -9.07
C TRP B 243 25.12 -2.80 -8.54
N ILE B 244 24.76 -2.78 -7.25
CA ILE B 244 24.09 -3.89 -6.57
C ILE B 244 22.68 -3.48 -6.17
N GLU B 245 21.69 -4.10 -6.79
CA GLU B 245 20.31 -3.64 -6.65
C GLU B 245 19.47 -4.46 -5.65
N GLU B 246 18.67 -3.76 -4.83
CA GLU B 246 17.77 -4.42 -3.85
C GLU B 246 18.35 -5.64 -3.15
N PRO B 247 19.47 -5.46 -2.44
CA PRO B 247 20.07 -6.56 -1.68
C PRO B 247 19.14 -7.19 -0.63
N THR B 248 18.27 -6.39 -0.01
CA THR B 248 17.39 -6.93 1.02
C THR B 248 15.93 -6.47 0.84
N LEU B 249 15.07 -6.80 1.81
CA LEU B 249 13.66 -6.45 1.73
C LEU B 249 13.53 -4.97 1.37
N GLN B 250 12.65 -4.66 0.43
CA GLN B 250 12.59 -3.32 -0.16
C GLN B 250 12.17 -2.27 0.87
N HIS B 251 11.30 -2.64 1.80
CA HIS B 251 10.82 -1.63 2.78
C HIS B 251 11.86 -1.36 3.87
N ASP B 252 12.92 -2.17 3.90
CA ASP B 252 13.91 -2.00 4.93
C ASP B 252 14.97 -0.98 4.50
N TYR B 253 14.61 0.30 4.61
CA TYR B 253 15.54 1.37 4.18
C TYR B 253 16.77 1.38 5.08
N GLU B 254 16.58 1.15 6.39
CA GLU B 254 17.71 1.17 7.30
C GLU B 254 18.68 0.04 6.97
N GLY B 255 18.13 -1.10 6.61
CA GLY B 255 18.97 -2.25 6.23
C GLY B 255 19.78 -1.92 5.01
N HIS B 256 19.14 -1.33 4.00
CA HIS B 256 19.87 -0.85 2.81
C HIS B 256 20.96 0.14 3.16
N GLN B 257 20.69 1.04 4.11
CA GLN B 257 21.73 1.99 4.54
C GLN B 257 22.93 1.23 5.13
N ARG B 258 22.66 0.22 5.94
CA ARG B 258 23.74 -0.51 6.61
C ARG B 258 24.56 -1.26 5.56
N ILE B 259 23.87 -1.86 4.59
CA ILE B 259 24.58 -2.52 3.45
C ILE B 259 25.46 -1.51 2.68
N GLN B 260 24.86 -0.38 2.27
CA GLN B 260 25.56 0.66 1.52
C GLN B 260 26.78 1.14 2.32
N SER B 261 26.64 1.22 3.65
CA SER B 261 27.71 1.74 4.50
C SER B 261 29.00 0.89 4.43
N LYS B 262 28.86 -0.37 3.99
CA LYS B 262 29.97 -1.33 3.92
C LYS B 262 30.49 -1.50 2.51
N LEU B 263 30.01 -0.67 1.58
CA LEU B 263 30.33 -0.79 0.16
C LEU B 263 30.87 0.50 -0.46
N ASN B 264 31.81 0.29 -1.38
CA ASN B 264 32.23 1.33 -2.29
C ASN B 264 31.32 1.39 -3.51
N VAL B 265 30.98 0.22 -4.07
CA VAL B 265 30.04 0.13 -5.19
C VAL B 265 28.68 0.68 -4.75
N PRO B 266 27.92 1.36 -5.65
CA PRO B 266 26.63 1.92 -5.21
C PRO B 266 25.56 0.84 -5.05
N VAL B 267 24.77 0.97 -4.00
CA VAL B 267 23.55 0.21 -3.87
C VAL B 267 22.48 0.97 -4.69
N GLN B 268 21.64 0.22 -5.37
CA GLN B 268 20.53 0.71 -6.18
C GLN B 268 19.21 0.21 -5.62
N MET B 269 18.19 1.06 -5.57
CA MET B 269 16.87 0.58 -5.14
C MET B 269 15.84 1.57 -5.64
N GLY B 270 14.55 1.32 -5.42
CA GLY B 270 13.53 2.33 -5.65
C GLY B 270 12.40 1.81 -6.48
N GLU B 271 12.60 0.68 -7.17
CA GLU B 271 11.52 0.16 -8.03
C GLU B 271 10.24 -0.10 -7.23
N ASN B 272 10.36 -0.30 -5.92
CA ASN B 272 9.21 -0.65 -5.09
C ASN B 272 8.62 0.50 -4.26
N TRP B 273 9.15 1.71 -4.42
CA TRP B 273 8.59 2.91 -3.75
C TRP B 273 7.25 3.20 -4.28
N LEU B 274 6.25 3.26 -3.39
CA LEU B 274 4.91 3.63 -3.82
C LEU B 274 4.71 5.10 -3.41
N GLY B 275 4.84 5.97 -4.41
CA GLY B 275 4.79 7.41 -4.18
C GLY B 275 6.14 8.04 -3.83
N PRO B 276 6.30 9.34 -4.17
CA PRO B 276 7.51 10.05 -3.81
C PRO B 276 7.70 10.11 -2.28
N GLU B 277 6.63 9.90 -1.49
CA GLU B 277 6.77 9.92 -0.01
C GLU B 277 7.59 8.75 0.52
N GLU B 278 7.53 7.59 -0.15
CA GLU B 278 8.33 6.42 0.26
CA GLU B 278 8.33 6.45 0.27
C GLU B 278 9.78 6.68 -0.16
N MET B 279 9.96 7.16 -1.38
CA MET B 279 11.29 7.56 -1.81
C MET B 279 11.94 8.56 -0.82
N PHE B 280 11.15 9.56 -0.39
CA PHE B 280 11.68 10.58 0.52
C PHE B 280 12.13 9.96 1.84
N LYS B 281 11.41 8.97 2.36
CA LYS B 281 11.85 8.33 3.62
C LYS B 281 13.18 7.61 3.42
N ALA B 282 13.34 6.93 2.28
CA ALA B 282 14.59 6.19 1.98
C ALA B 282 15.75 7.17 1.75
N LEU B 283 15.52 8.23 0.96
CA LEU B 283 16.59 9.25 0.72
C LEU B 283 17.01 9.98 2.03
N SER B 284 16.02 10.27 2.88
CA SER B 284 16.24 11.01 4.12
C SER B 284 17.18 10.27 5.04
N ILE B 285 17.23 8.95 4.94
CA ILE B 285 18.21 8.22 5.75
C ILE B 285 19.45 7.72 5.01
N GLY B 286 19.51 8.01 3.70
CA GLY B 286 20.69 7.65 2.93
C GLY B 286 20.74 6.14 2.66
N ALA B 287 19.60 5.55 2.30
CA ALA B 287 19.49 4.10 2.08
C ALA B 287 20.38 3.61 0.91
N SER B 288 20.60 4.46 -0.08
CA SER B 288 21.37 3.99 -1.28
C SER B 288 21.97 5.16 -2.01
N ARG B 289 23.07 4.94 -2.77
CA ARG B 289 23.63 6.05 -3.54
C ARG B 289 22.98 6.23 -4.93
N LEU B 290 22.15 5.28 -5.34
CA LEU B 290 21.41 5.39 -6.62
C LEU B 290 19.93 5.16 -6.39
N ALA B 291 19.09 5.68 -7.28
CA ALA B 291 17.67 5.45 -7.18
C ALA B 291 17.11 5.05 -8.55
N MET B 292 16.09 4.20 -8.57
CA MET B 292 15.40 3.93 -9.82
C MET B 292 13.88 3.77 -9.60
N PRO B 293 13.14 4.89 -9.55
CA PRO B 293 11.69 4.80 -9.45
C PRO B 293 11.05 4.07 -10.65
N ASP B 294 9.96 3.37 -10.34
CA ASP B 294 9.08 2.73 -11.31
C ASP B 294 7.97 3.73 -11.67
N ALA B 295 7.83 4.09 -12.96
CA ALA B 295 6.89 5.13 -13.36
C ALA B 295 5.49 4.86 -12.81
N MET B 296 5.07 3.59 -12.75
CA MET B 296 3.76 3.32 -12.17
C MET B 296 3.75 3.50 -10.63
N LYS B 297 4.63 2.79 -9.95
CA LYS B 297 4.58 2.82 -8.45
C LYS B 297 4.86 4.21 -7.90
N ILE B 298 5.74 4.97 -8.56
CA ILE B 298 6.13 6.30 -8.04
C ILE B 298 4.97 7.29 -8.15
N GLY B 299 3.94 6.95 -8.90
CA GLY B 299 2.82 7.88 -9.06
C GLY B 299 2.68 8.48 -10.45
N GLY B 300 3.15 7.77 -11.48
CA GLY B 300 2.96 8.27 -12.87
C GLY B 300 3.94 9.41 -13.18
N VAL B 301 3.59 10.21 -14.18
CA VAL B 301 4.35 11.40 -14.52
C VAL B 301 4.37 12.38 -13.34
N THR B 302 3.20 12.60 -12.73
CA THR B 302 3.11 13.57 -11.65
C THR B 302 4.10 13.18 -10.51
N GLY B 303 4.07 11.92 -10.11
CA GLY B 303 4.96 11.40 -9.08
C GLY B 303 6.41 11.40 -9.52
N TRP B 304 6.64 11.02 -10.78
CA TRP B 304 8.01 10.99 -11.32
C TRP B 304 8.65 12.36 -11.23
N ILE B 305 7.92 13.40 -11.59
CA ILE B 305 8.50 14.76 -11.62
C ILE B 305 8.86 15.18 -10.18
N ARG B 306 7.99 14.83 -9.24
CA ARG B 306 8.30 15.06 -7.81
C ARG B 306 9.51 14.27 -7.36
N ALA B 307 9.56 12.98 -7.72
CA ALA B 307 10.72 12.14 -7.44
C ALA B 307 12.03 12.75 -7.97
N SER B 308 11.97 13.27 -9.20
CA SER B 308 13.12 13.84 -9.86
CA SER B 308 13.13 13.84 -9.86
C SER B 308 13.65 15.06 -9.10
N ALA B 309 12.75 15.91 -8.60
CA ALA B 309 13.13 17.02 -7.74
C ALA B 309 13.87 16.54 -6.46
N LEU B 310 13.42 15.44 -5.85
CA LEU B 310 14.09 14.93 -4.64
C LEU B 310 15.45 14.37 -4.99
N ALA B 311 15.53 13.54 -6.04
CA ALA B 311 16.81 12.94 -6.38
C ALA B 311 17.85 14.04 -6.66
N GLN B 312 17.41 15.14 -7.28
CA GLN B 312 18.32 16.25 -7.61
C GLN B 312 18.94 16.83 -6.34
N GLN B 313 18.08 17.17 -5.38
CA GLN B 313 18.57 17.81 -4.13
C GLN B 313 19.39 16.86 -3.30
N PHE B 314 18.98 15.60 -3.18
CA PHE B 314 19.79 14.63 -2.42
C PHE B 314 21.02 14.14 -3.19
N GLY B 315 21.21 14.61 -4.42
CA GLY B 315 22.39 14.18 -5.19
C GLY B 315 22.42 12.70 -5.57
N ILE B 316 21.28 12.16 -6.00
CA ILE B 316 21.15 10.78 -6.34
C ILE B 316 20.90 10.63 -7.86
N PRO B 317 21.83 9.97 -8.58
CA PRO B 317 21.60 9.65 -9.99
C PRO B 317 20.36 8.75 -10.10
N MET B 318 19.43 9.11 -10.97
CA MET B 318 18.11 8.49 -11.02
C MET B 318 17.86 7.77 -12.35
N SER B 319 17.60 6.47 -12.26
CA SER B 319 17.29 5.60 -13.39
C SER B 319 15.83 5.22 -13.34
N SER B 320 15.36 4.49 -14.36
CA SER B 320 13.98 4.03 -14.43
C SER B 320 13.84 2.53 -14.14
N HIS B 321 12.63 2.14 -13.82
CA HIS B 321 12.27 0.72 -13.68
C HIS B 321 11.09 0.44 -14.54
N LEU B 322 11.25 -0.43 -15.55
CA LEU B 322 10.14 -0.79 -16.46
C LEU B 322 9.58 0.41 -17.14
N PHE B 323 8.42 0.24 -17.80
CA PHE B 323 7.73 1.37 -18.45
C PHE B 323 8.67 2.15 -19.34
N GLN B 324 9.37 1.41 -20.20
CA GLN B 324 10.43 2.04 -21.01
C GLN B 324 9.87 3.14 -21.93
N GLU B 325 8.64 2.98 -22.40
CA GLU B 325 8.04 3.92 -23.35
C GLU B 325 7.90 5.34 -22.76
N ILE B 326 7.35 5.42 -21.55
CA ILE B 326 7.20 6.73 -20.93
C ILE B 326 8.49 7.13 -20.22
N SER B 327 9.29 6.17 -19.78
CA SER B 327 10.48 6.51 -19.03
C SER B 327 11.51 7.23 -19.89
N ALA B 328 11.51 6.97 -21.22
CA ALA B 328 12.40 7.74 -22.11
C ALA B 328 12.10 9.26 -22.06
N HIS B 329 10.82 9.63 -22.08
CA HIS B 329 10.41 11.01 -21.97
C HIS B 329 10.78 11.55 -20.59
N LEU B 330 10.47 10.76 -19.57
CA LEU B 330 10.64 11.24 -18.20
C LEU B 330 12.08 11.48 -17.86
N LEU B 331 12.96 10.56 -18.26
CA LEU B 331 14.38 10.72 -18.00
C LEU B 331 14.98 11.94 -18.67
N ALA B 332 14.44 12.33 -19.84
CA ALA B 332 14.93 13.52 -20.53
C ALA B 332 14.63 14.80 -19.76
N ALA B 333 13.61 14.76 -18.89
CA ALA B 333 13.29 15.89 -18.03
C ALA B 333 13.85 15.74 -16.61
N THR B 334 14.68 14.73 -16.35
CA THR B 334 15.16 14.44 -14.97
C THR B 334 16.58 14.98 -14.83
N PRO B 335 16.80 15.97 -13.94
CA PRO B 335 18.13 16.55 -13.78
C PRO B 335 19.27 15.57 -13.51
N THR B 336 19.03 14.52 -12.72
CA THR B 336 20.10 13.55 -12.45
C THR B 336 19.90 12.23 -13.24
N ALA B 337 19.24 12.30 -14.40
CA ALA B 337 19.01 11.07 -15.23
C ALA B 337 20.25 10.23 -15.35
N HIS B 338 20.09 8.92 -15.14
CA HIS B 338 21.22 8.01 -15.13
C HIS B 338 21.06 6.96 -16.23
N TRP B 339 20.34 5.87 -15.97
CA TRP B 339 20.00 4.87 -17.03
C TRP B 339 18.54 4.63 -17.24
N LEU B 340 18.18 4.24 -18.47
CA LEU B 340 16.87 3.66 -18.74
C LEU B 340 16.94 2.14 -18.70
N GLU B 341 16.01 1.51 -18.00
CA GLU B 341 15.96 0.05 -18.02
C GLU B 341 15.21 -0.42 -19.26
N ARG B 342 15.89 -1.20 -20.11
CA ARG B 342 15.17 -1.83 -21.23
C ARG B 342 14.68 -3.20 -20.75
N LEU B 343 13.38 -3.32 -20.60
CA LEU B 343 12.74 -4.57 -20.22
C LEU B 343 11.36 -4.47 -20.79
N ASP B 344 11.19 -5.06 -21.97
CA ASP B 344 10.06 -4.75 -22.80
C ASP B 344 8.87 -5.65 -22.46
N LEU B 345 8.18 -5.33 -21.38
CA LEU B 345 6.99 -6.07 -20.97
C LEU B 345 5.80 -5.99 -21.94
N ALA B 346 5.61 -4.85 -22.60
CA ALA B 346 4.38 -4.60 -23.36
C ALA B 346 4.56 -4.62 -24.88
N GLY B 347 5.73 -5.05 -25.34
CA GLY B 347 6.06 -5.06 -26.79
C GLY B 347 5.07 -5.83 -27.66
N SER B 348 4.47 -6.88 -27.11
N SER B 348 4.48 -6.89 -27.12
CA SER B 348 3.53 -7.71 -27.88
CA SER B 348 3.51 -7.70 -27.87
C SER B 348 2.20 -7.00 -28.12
C SER B 348 2.31 -6.85 -28.29
N VAL B 349 1.99 -5.86 -27.47
CA VAL B 349 0.74 -5.08 -27.65
C VAL B 349 0.92 -3.59 -27.94
N ILE B 350 2.17 -3.13 -28.00
CA ILE B 350 2.49 -1.71 -28.26
C ILE B 350 3.44 -1.62 -29.46
N GLU B 351 3.13 -0.73 -30.40
CA GLU B 351 3.97 -0.53 -31.61
C GLU B 351 5.38 -0.10 -31.22
N PRO B 352 6.41 -0.63 -31.91
CA PRO B 352 7.77 -0.33 -31.46
C PRO B 352 8.27 1.04 -31.95
N THR B 353 7.59 2.09 -31.52
CA THR B 353 7.95 3.45 -31.91
C THR B 353 9.18 3.95 -31.11
N LEU B 354 9.41 3.39 -29.92
CA LEU B 354 10.63 3.68 -29.16
C LEU B 354 11.73 2.82 -29.78
N THR B 355 12.84 3.44 -30.14
CA THR B 355 13.93 2.69 -30.77
C THR B 355 15.20 2.90 -29.98
N PHE B 356 16.21 2.09 -30.28
CA PHE B 356 17.51 2.20 -29.64
C PHE B 356 18.60 2.41 -30.70
N GLU B 357 19.45 3.40 -30.48
CA GLU B 357 20.57 3.73 -31.36
C GLU B 357 21.83 3.78 -30.53
N GLY B 358 22.73 2.84 -30.77
CA GLY B 358 23.96 2.75 -29.99
C GLY B 358 23.70 2.55 -28.51
N GLY B 359 22.66 1.76 -28.19
CA GLY B 359 22.27 1.46 -26.81
C GLY B 359 21.46 2.57 -26.13
N ASN B 360 21.17 3.64 -26.86
CA ASN B 360 20.43 4.77 -26.33
C ASN B 360 18.99 4.75 -26.79
N ALA B 361 18.06 4.95 -25.85
CA ALA B 361 16.65 5.04 -26.16
C ALA B 361 16.39 6.36 -26.89
N VAL B 362 15.63 6.29 -27.97
CA VAL B 362 15.29 7.46 -28.76
C VAL B 362 13.77 7.66 -28.69
N ILE B 363 13.35 8.78 -28.13
CA ILE B 363 11.94 9.12 -27.96
C ILE B 363 11.31 9.29 -29.35
N PRO B 364 10.14 8.66 -29.62
CA PRO B 364 9.58 8.88 -30.95
C PRO B 364 9.00 10.27 -31.11
N ASP B 365 8.99 10.76 -32.34
CA ASP B 365 8.44 12.06 -32.62
C ASP B 365 6.93 11.92 -32.80
N LEU B 366 6.22 11.72 -31.68
CA LEU B 366 4.78 11.51 -31.71
C LEU B 366 4.21 12.27 -30.53
N PRO B 367 2.94 12.70 -30.60
CA PRO B 367 2.37 13.44 -29.47
C PRO B 367 2.19 12.54 -28.22
N GLY B 368 2.25 13.14 -27.04
CA GLY B 368 2.17 12.35 -25.81
C GLY B 368 3.32 11.39 -25.70
N VAL B 369 3.01 10.14 -25.30
CA VAL B 369 4.04 9.18 -24.98
C VAL B 369 4.56 8.43 -26.21
N GLY B 370 3.74 8.36 -27.25
CA GLY B 370 4.11 7.61 -28.44
C GLY B 370 3.67 6.15 -28.31
N ILE B 371 2.69 5.90 -27.44
CA ILE B 371 2.10 4.57 -27.35
C ILE B 371 0.97 4.43 -28.37
N ILE B 372 1.12 3.46 -29.26
CA ILE B 372 0.06 3.05 -30.19
C ILE B 372 -0.29 1.57 -29.97
N TRP B 373 -1.56 1.26 -29.74
CA TRP B 373 -1.90 -0.15 -29.50
C TRP B 373 -1.71 -1.03 -30.72
N ARG B 374 -1.26 -2.26 -30.54
CA ARG B 374 -1.33 -3.26 -31.60
C ARG B 374 -2.67 -4.00 -31.45
N GLU B 375 -3.74 -3.38 -31.96
CA GLU B 375 -5.12 -3.85 -31.67
C GLU B 375 -5.39 -5.28 -32.08
N LYS B 376 -4.81 -5.75 -33.18
CA LYS B 376 -4.97 -7.14 -33.61
C LYS B 376 -4.39 -8.12 -32.58
N GLU B 377 -3.27 -7.77 -31.97
CA GLU B 377 -2.60 -8.65 -31.01
C GLU B 377 -3.29 -8.70 -29.62
N ILE B 378 -3.93 -7.61 -29.22
CA ILE B 378 -4.55 -7.51 -27.89
C ILE B 378 -5.59 -8.62 -27.71
N GLY B 379 -6.41 -8.82 -28.75
CA GLY B 379 -7.45 -9.85 -28.75
C GLY B 379 -6.98 -11.24 -28.39
N LYS B 380 -5.73 -11.55 -28.71
CA LYS B 380 -5.14 -12.86 -28.45
C LYS B 380 -4.87 -13.11 -26.96
N TYR B 381 -4.75 -12.02 -26.20
CA TYR B 381 -4.20 -12.11 -24.84
C TYR B 381 -5.13 -11.73 -23.70
N LEU B 382 -6.36 -11.38 -24.04
CA LEU B 382 -7.35 -10.96 -23.04
C LEU B 382 -7.61 -12.04 -22.01
N VAL B 383 -7.69 -11.61 -20.76
CA VAL B 383 -7.95 -12.53 -19.68
C VAL B 383 -9.46 -12.62 -19.58
MG MG C . -9.19 7.61 13.42
O01 0UT D . -10.62 6.33 14.10
C02 0UT D . -11.59 6.04 13.35
O03 0UT D . -12.43 5.12 13.71
C04 0UT D . -11.71 6.80 12.04
O05 0UT D . -10.45 7.32 11.74
C07 0UT D . -12.15 5.89 10.91
C1 0UT D . -12.73 8.98 11.26
C2 0UT D . -13.62 10.04 11.41
C3 0UT D . -14.48 10.11 12.50
C4 0UT D . -14.46 9.10 13.45
C5 0UT D . -13.56 8.02 13.29
C06 0UT D . -12.68 7.94 12.20
C6 0UT D . -13.17 4.93 11.06
C7 0UT D . -13.55 4.12 10.00
C8 0UT D . -12.91 4.25 8.78
C9 0UT D . -11.91 5.20 8.61
C10 0UT D . -11.54 6.02 9.68
MG MG E . 15.25 -4.79 -9.64
O01 0UT F . 13.72 -5.10 -13.45
C02 0UT F . 14.02 -5.30 -12.22
O03 0UT F . 14.86 -4.55 -11.65
C04 0UT F . 13.41 -6.42 -11.42
O05 0UT F . 13.63 -6.14 -10.06
C07 0UT F . 11.95 -6.70 -11.65
C1 0UT F . 14.22 -8.09 -13.13
C2 0UT F . 14.69 -9.37 -13.45
C3 0UT F . 14.86 -10.34 -12.45
C4 0UT F . 14.57 -10.01 -11.14
C5 0UT F . 14.11 -8.74 -10.84
C06 0UT F . 13.96 -7.77 -11.81
C6 0UT F . 11.08 -6.98 -10.61
C7 0UT F . 9.74 -7.27 -10.83
C8 0UT F . 9.27 -7.31 -12.14
C9 0UT F . 10.12 -7.06 -13.20
C10 0UT F . 11.46 -6.77 -12.95
#